data_7Y80
#
_entry.id   7Y80
#
_cell.length_a   1.00
_cell.length_b   1.00
_cell.length_c   1.00
_cell.angle_alpha   90.00
_cell.angle_beta   90.00
_cell.angle_gamma   90.00
#
_symmetry.space_group_name_H-M   'P 1'
#
loop_
_entity.id
_entity.type
_entity.pdbx_description
1 polymer 'RAMP superfamily protein'
2 polymer crRNA
3 non-polymer 'ZINC ION'
4 non-polymer 'MAGNESIUM ION'
#
loop_
_entity_poly.entity_id
_entity_poly.type
_entity_poly.pdbx_seq_one_letter_code
_entity_poly.pdbx_strand_id
1 'polypeptide(L)'
;MHHHHHHKSNDMNITVELTFFEPYRLVEWFDWDARKKSHSAMRGQAFAQWTWKGKGRTAGKSFITGTLVRSAVIKAVEEL
LSLNNGKWEGVPCCNGSFQTDESKGKKPSFLRKRHTLQWQANNKNICDKEEACPFCILLGRFDNAGKVHERNKDYDIHFS
NFDLDHKQEKNDLRLVDIASGRILNRVDFDTGKAKDYFRTWEADYETYGTYTGRITLRNEHAKKLLLASLGFVDKLCGAL
CRIEVIKKSESPLPSDTKEQSYTKDDTVEVLSEDHNDELRKQAEVIVEAFKQNDKLEKIRILADAIRTLRLHGEGVIEKD
ELPDGKEERDKGHHLWDIKVQGTALRTKLKELWQSNKDIGWRKFTEMLGSNLYLIYKKETGGVSTRFRILGDTEYYSKAH
DSEGSDLFIPVTPPEGIETKEWIIVGRLKAATPFYFGVQQPSDSIPGKEKKSEDSLVINEHTSFNILLDKENRYRIPRSA
LRGALRRDLRTAFGSGCNVSLGGQILCNCKVCIEMRRITLKDSVSDFSEPPEIRYRIAKNPGTATVEDGSLFDIEVGPEG
LTFPFVLRYRGHKFPEQLSSVIRYWEENDGKNGMAWLGGLDSTGKGRFALKDIKIFEWDLNQKINEYIKERGMRGKEKEL
LEMGESSLPDGLIPYKFFEERECLFPYKENLKPQWSEVQYTIEVGSPLLTADTISALTEPGNRDAIAYKKRVYNDGNNAI
EPEPRFAVKSETHRGIFRTAVGRRTGDLGKEDHEDCTCDMCIIFGNEHESSKIRFEDLELINGNEFEKLEKHIDHVAIDR
FTGGALDKAKFDTYPLAGSPKKPLKLKGRFWIKKGFSGDHKLLITTALSDIRDGLYPLGSKGGVGYGWVAGISIDDNVPD
DFKEMINKTEMPLPEEVEESNNGPINNDYVHPGHQSPKQDHKNKNIYYPHYFLDSGSKVYREKDIITHEEFTEELLSGKI
NCKLETLTPLIIPDTSDENGLKLQGNKPGHKNYKFFNINGELMIPGSELRGMLRTHFEALTKSCFAIFGEDSTLSWRMNA
DEKDYKIDSNSIRKMESQRNPKYRIPDELQKELRNSGNGLFNRLYTSERRFWSDVSNKFENSIDYKREILRCAGRPKNYK
GGIIRQRKDSLMAEELKVHRLPLYDNFDIPDSAYKANDHCRKSATCSTSRGCRERFTCGIKVRDKNRVFLNAANNNRQYL
NNIKKSNHDLYLQYLKGEKKIRFNSKVITGSERSPIDVIAELNERGRQTGFIKLSGLNNSNKSQGNTGTTFNSGWDRFEL
NILLDDLETRPSKSDYPRPRLLFTKDQYEYNITKRCERVFEIDKGNKTGYPVDDQIKKNYEDILDSYDGIKDQEVAERFD
TFTRGSKLKVGDLVYFHIDGDNKIDSLIPVRISRKCASKTLGGKLDKALHPCTGLSDGLCPGCHLFGTTDYKGRVKFGFA
KYENGPEWLITRGNNPERSLTLGVLESPRPAFSIPDDESEIPGRKFYLHHNGWRIIRQKQLEIRETVQPERNVTTEVMDK
GNVFSFDVRFENLREWELGLLLQSLDPGKNIAHKLGKGKPYGFGSVKIKIDSLHTFKINSNNDKIKRVPQSDIREYINKG
YQKLIEWSGNNSIQKGNVLPQWHVIPHIDKLYKLLWVPFLNDSKLEPDVRYPVLNEESKGYIEGSDYTYKKLGDKDNLPY
KTRVKGLTTPWSPWNPFQVIAEHEEQEVNVTGSRPSVTDKIERDGKMV
;
A
2 'polyribonucleotide'
;GUUAUGAAACAAGAGAAGGACUUAAUGUCACGGUACCCAAUUUUCUGCCCCGGACUCCACGGCUGUUACUAGAGGUUAUG
AAACAAGAGAAGGACUUAAUGUCACGGUAC
;
B
#
loop_
_chem_comp.id
_chem_comp.type
_chem_comp.name
_chem_comp.formula
A RNA linking ADENOSINE-5'-MONOPHOSPHATE 'C10 H14 N5 O7 P'
C RNA linking CYTIDINE-5'-MONOPHOSPHATE 'C9 H14 N3 O8 P'
G RNA linking GUANOSINE-5'-MONOPHOSPHATE 'C10 H14 N5 O8 P'
MG non-polymer 'MAGNESIUM ION' 'Mg 2'
U RNA linking URIDINE-5'-MONOPHOSPHATE 'C9 H13 N2 O9 P'
ZN non-polymer 'ZINC ION' 'Zn 2'
#
# COMPACT_ATOMS: atom_id res chain seq x y z
N MET A 12 49.47 -39.56 -10.32
CA MET A 12 48.40 -40.23 -9.59
C MET A 12 47.25 -39.25 -9.37
N ASN A 13 46.04 -39.65 -9.78
CA ASN A 13 44.89 -38.76 -9.82
C ASN A 13 43.88 -39.16 -8.77
N ILE A 14 43.19 -38.17 -8.20
CA ILE A 14 41.98 -38.37 -7.43
C ILE A 14 40.86 -37.57 -8.08
N THR A 15 39.66 -38.12 -8.06
CA THR A 15 38.48 -37.38 -8.51
C THR A 15 37.83 -36.72 -7.31
N VAL A 16 37.29 -35.53 -7.52
CA VAL A 16 36.90 -34.67 -6.42
C VAL A 16 35.69 -33.84 -6.82
N GLU A 17 34.65 -33.89 -6.01
CA GLU A 17 33.37 -33.26 -6.29
C GLU A 17 33.12 -32.16 -5.27
N LEU A 18 32.83 -30.95 -5.75
CA LEU A 18 32.49 -29.85 -4.88
C LEU A 18 31.00 -29.54 -5.02
N THR A 19 30.33 -29.39 -3.89
CA THR A 19 28.89 -29.15 -3.85
C THR A 19 28.61 -27.79 -3.23
N PHE A 20 27.81 -26.99 -3.93
CA PHE A 20 27.34 -25.71 -3.44
C PHE A 20 26.09 -25.90 -2.60
N PHE A 21 25.89 -25.00 -1.64
CA PHE A 21 24.74 -25.06 -0.75
C PHE A 21 24.01 -23.74 -0.67
N GLU A 22 24.37 -22.78 -1.51
CA GLU A 22 23.62 -21.56 -1.75
C GLU A 22 23.84 -21.18 -3.20
N PRO A 23 23.00 -20.29 -3.80
CA PRO A 23 23.22 -19.89 -5.20
C PRO A 23 24.58 -19.23 -5.43
N TYR A 24 25.43 -19.95 -6.16
CA TYR A 24 26.77 -19.50 -6.46
C TYR A 24 26.75 -18.52 -7.62
N ARG A 25 27.85 -17.79 -7.78
CA ARG A 25 27.90 -16.77 -8.79
C ARG A 25 28.57 -17.29 -10.05
N LEU A 26 27.96 -16.96 -11.19
CA LEU A 26 28.41 -17.36 -12.49
C LEU A 26 28.68 -16.11 -13.32
N VAL A 27 29.74 -16.19 -14.11
CA VAL A 27 30.14 -15.14 -15.04
C VAL A 27 30.40 -15.82 -16.37
N GLU A 28 30.36 -15.04 -17.45
CA GLU A 28 30.72 -15.56 -18.75
C GLU A 28 32.23 -15.75 -18.82
N TRP A 29 32.66 -16.90 -19.35
CA TRP A 29 34.09 -17.18 -19.43
C TRP A 29 34.73 -16.32 -20.51
N PHE A 30 35.86 -15.71 -20.15
CA PHE A 30 36.71 -15.01 -21.11
C PHE A 30 38.16 -15.39 -20.83
N ASP A 31 38.92 -15.59 -21.90
CA ASP A 31 40.34 -15.89 -21.75
C ASP A 31 41.08 -14.65 -21.25
N TRP A 32 42.28 -14.89 -20.71
CA TRP A 32 42.96 -13.92 -19.83
C TRP A 32 43.31 -12.62 -20.54
N ASP A 33 43.60 -12.67 -21.83
CA ASP A 33 43.83 -11.43 -22.57
C ASP A 33 42.51 -10.70 -22.83
N ALA A 34 41.45 -11.44 -23.16
CA ALA A 34 40.15 -10.85 -23.44
C ALA A 34 39.29 -10.72 -22.18
N ARG A 35 39.79 -11.17 -21.02
CA ARG A 35 39.05 -11.01 -19.78
C ARG A 35 39.07 -9.57 -19.29
N LYS A 36 40.11 -8.82 -19.62
CA LYS A 36 40.23 -7.43 -19.18
C LYS A 36 39.32 -6.49 -19.94
N LYS A 37 38.77 -6.93 -21.08
CA LYS A 37 37.90 -6.06 -21.87
C LYS A 37 36.55 -5.86 -21.19
N SER A 38 36.04 -6.90 -20.53
CA SER A 38 34.75 -6.83 -19.85
C SER A 38 34.97 -6.66 -18.36
N HIS A 39 34.25 -5.70 -17.77
CA HIS A 39 34.37 -5.46 -16.33
C HIS A 39 33.70 -6.56 -15.53
N SER A 40 32.68 -7.20 -16.09
CA SER A 40 31.97 -8.28 -15.39
C SER A 40 32.87 -9.48 -15.18
N ALA A 41 33.70 -9.83 -16.16
CA ALA A 41 34.62 -10.96 -15.98
C ALA A 41 35.80 -10.61 -15.08
N MET A 42 36.24 -9.34 -15.08
CA MET A 42 37.20 -8.87 -14.10
C MET A 42 36.64 -8.99 -12.69
N ARG A 43 35.35 -8.69 -12.52
CA ARG A 43 34.69 -8.90 -11.24
C ARG A 43 34.57 -10.39 -10.92
N GLY A 44 34.30 -11.21 -11.93
CA GLY A 44 34.01 -12.62 -11.72
C GLY A 44 35.15 -13.58 -12.02
N GLN A 45 36.38 -13.10 -11.92
CA GLN A 45 37.55 -13.97 -11.87
C GLN A 45 37.42 -15.06 -10.81
N ALA A 46 36.86 -14.73 -9.64
CA ALA A 46 36.67 -15.69 -8.57
C ALA A 46 35.31 -16.41 -8.64
N PHE A 47 34.61 -16.29 -9.75
CA PHE A 47 33.31 -16.90 -9.92
C PHE A 47 33.41 -18.20 -10.68
N ALA A 48 32.25 -18.82 -10.91
CA ALA A 48 32.19 -19.97 -11.80
C ALA A 48 32.03 -19.49 -13.24
N GLN A 49 32.88 -19.99 -14.13
CA GLN A 49 32.88 -19.54 -15.51
C GLN A 49 31.85 -20.30 -16.33
N TRP A 50 31.34 -19.65 -17.36
CA TRP A 50 30.35 -20.22 -18.26
C TRP A 50 30.79 -19.93 -19.68
N THR A 51 30.98 -20.96 -20.47
CA THR A 51 31.32 -20.81 -21.87
C THR A 51 30.16 -21.30 -22.73
N TRP A 52 30.21 -20.95 -24.01
CA TRP A 52 29.15 -21.27 -24.95
C TRP A 52 29.59 -22.45 -25.82
N LYS A 53 28.75 -23.50 -25.84
CA LYS A 53 29.08 -24.69 -26.61
C LYS A 53 28.91 -24.45 -28.11
N GLY A 54 27.84 -23.74 -28.49
CA GLY A 54 27.60 -23.43 -29.88
C GLY A 54 27.31 -21.94 -30.06
N LYS A 55 27.20 -21.55 -31.32
CA LYS A 55 26.89 -20.17 -31.64
C LYS A 55 25.42 -19.86 -31.34
N GLY A 56 25.13 -18.57 -31.21
CA GLY A 56 23.79 -18.10 -30.91
C GLY A 56 23.62 -17.56 -29.50
N ARG A 57 24.57 -17.84 -28.61
CA ARG A 57 24.61 -17.31 -27.24
C ARG A 57 23.38 -17.69 -26.42
N THR A 58 23.03 -18.98 -26.47
CA THR A 58 21.90 -19.48 -25.70
C THR A 58 22.16 -20.78 -24.96
N ALA A 59 23.24 -21.50 -25.26
CA ALA A 59 23.54 -22.75 -24.57
C ALA A 59 25.05 -22.85 -24.39
N GLY A 60 25.46 -23.62 -23.39
CA GLY A 60 26.86 -23.74 -23.10
C GLY A 60 27.11 -24.66 -21.92
N LYS A 61 28.34 -24.60 -21.43
CA LYS A 61 28.79 -25.41 -20.31
C LYS A 61 29.35 -24.52 -19.21
N SER A 62 29.01 -24.86 -17.97
CA SER A 62 29.52 -24.17 -16.80
C SER A 62 30.63 -25.00 -16.17
N PHE A 63 31.64 -24.32 -15.64
CA PHE A 63 32.75 -24.99 -15.00
C PHE A 63 33.37 -24.03 -13.99
N ILE A 64 34.23 -24.58 -13.13
CA ILE A 64 35.06 -23.81 -12.23
C ILE A 64 36.50 -24.10 -12.60
N THR A 65 37.29 -23.05 -12.79
CA THR A 65 38.69 -23.21 -13.17
C THR A 65 39.46 -23.86 -12.03
N GLY A 66 40.43 -24.69 -12.40
CA GLY A 66 41.29 -25.30 -11.40
C GLY A 66 42.21 -24.33 -10.71
N THR A 67 42.49 -23.19 -11.34
CA THR A 67 43.26 -22.13 -10.67
C THR A 67 42.49 -21.57 -9.50
N LEU A 68 41.17 -21.43 -9.63
CA LEU A 68 40.34 -20.93 -8.54
C LEU A 68 40.26 -21.93 -7.38
N VAL A 69 40.10 -23.22 -7.71
CA VAL A 69 40.07 -24.27 -6.68
C VAL A 69 41.43 -24.38 -6.00
N ARG A 70 42.52 -24.21 -6.77
CA ARG A 70 43.85 -24.22 -6.19
C ARG A 70 44.09 -23.00 -5.31
N SER A 71 43.54 -21.85 -5.69
CA SER A 71 43.64 -20.66 -4.86
C SER A 71 42.91 -20.84 -3.54
N ALA A 72 41.72 -21.44 -3.60
CA ALA A 72 40.96 -21.75 -2.38
C ALA A 72 41.68 -22.77 -1.52
N VAL A 73 42.28 -23.79 -2.13
CA VAL A 73 42.98 -24.84 -1.39
C VAL A 73 44.24 -24.30 -0.74
N ILE A 74 44.96 -23.41 -1.45
CA ILE A 74 46.16 -22.78 -0.89
C ILE A 74 45.80 -21.82 0.24
N LYS A 75 44.68 -21.09 0.11
CA LYS A 75 44.20 -20.25 1.22
C LYS A 75 43.82 -21.09 2.44
N ALA A 76 43.14 -22.21 2.21
CA ALA A 76 42.81 -23.13 3.29
C ALA A 76 44.05 -23.75 3.92
N VAL A 77 45.09 -24.00 3.11
CA VAL A 77 46.32 -24.57 3.61
C VAL A 77 47.05 -23.55 4.49
N GLU A 78 47.06 -22.28 4.07
CA GLU A 78 47.63 -21.21 4.89
C GLU A 78 46.91 -21.07 6.22
N GLU A 79 45.57 -21.10 6.19
CA GLU A 79 44.79 -21.01 7.43
C GLU A 79 45.02 -22.22 8.33
N LEU A 80 45.12 -23.41 7.74
CA LEU A 80 45.31 -24.63 8.53
C LEU A 80 46.71 -24.68 9.16
N LEU A 81 47.73 -24.28 8.42
CA LEU A 81 49.08 -24.28 8.97
C LEU A 81 49.30 -23.14 9.95
N SER A 82 48.56 -22.04 9.81
CA SER A 82 48.59 -21.02 10.85
C SER A 82 47.87 -21.50 12.11
N LEU A 83 46.79 -22.27 11.95
CA LEU A 83 46.06 -22.79 13.10
C LEU A 83 46.84 -23.88 13.82
N ASN A 84 47.77 -24.55 13.13
CA ASN A 84 48.58 -25.59 13.73
C ASN A 84 50.04 -25.20 13.83
N ASN A 85 50.34 -23.89 13.69
CA ASN A 85 51.66 -23.29 13.87
C ASN A 85 52.70 -23.87 12.90
N GLY A 86 52.33 -23.97 11.63
CA GLY A 86 53.25 -24.33 10.58
C GLY A 86 53.45 -25.81 10.34
N LYS A 87 52.81 -26.68 11.12
CA LYS A 87 52.97 -28.12 10.97
C LYS A 87 51.63 -28.75 10.62
N TRP A 88 51.68 -29.97 10.09
CA TRP A 88 50.47 -30.76 9.89
C TRP A 88 50.83 -32.23 10.01
N GLU A 89 50.31 -32.87 11.06
CA GLU A 89 50.50 -34.30 11.36
C GLU A 89 51.97 -34.68 11.48
N GLY A 90 52.76 -33.80 12.09
CA GLY A 90 54.14 -34.13 12.42
C GLY A 90 55.18 -33.41 11.59
N VAL A 91 54.95 -33.29 10.28
CA VAL A 91 55.91 -32.68 9.37
C VAL A 91 55.71 -31.17 9.38
N PRO A 92 56.75 -30.39 9.67
CA PRO A 92 56.61 -28.93 9.62
C PRO A 92 56.65 -28.42 8.18
N CYS A 93 56.08 -27.24 8.00
CA CYS A 93 56.06 -26.57 6.70
C CYS A 93 56.65 -25.18 6.86
N CYS A 94 57.32 -24.72 5.81
CA CYS A 94 57.90 -23.39 5.82
C CYS A 94 56.84 -22.35 5.47
N ASN A 95 57.27 -21.11 5.26
CA ASN A 95 56.34 -20.03 4.96
C ASN A 95 55.94 -19.98 3.49
N GLY A 96 56.53 -20.78 2.64
CA GLY A 96 56.22 -20.75 1.23
C GLY A 96 56.77 -19.51 0.55
N SER A 97 56.28 -19.26 -0.66
CA SER A 97 56.61 -18.06 -1.41
C SER A 97 55.34 -17.50 -2.03
N PHE A 98 55.21 -16.18 -2.00
CA PHE A 98 54.13 -15.47 -2.70
C PHE A 98 54.65 -14.20 -3.34
N GLN A 99 55.85 -14.26 -3.93
CA GLN A 99 56.47 -13.08 -4.54
C GLN A 99 57.22 -13.53 -5.81
N THR A 100 56.55 -13.47 -6.95
CA THR A 100 57.18 -13.74 -8.22
C THR A 100 57.78 -12.44 -8.76
N ASP A 101 59.10 -12.46 -9.01
CA ASP A 101 59.76 -11.30 -9.59
C ASP A 101 59.42 -11.20 -11.07
N GLU A 102 59.21 -9.96 -11.53
CA GLU A 102 58.99 -9.72 -12.95
C GLU A 102 60.27 -9.96 -13.76
N SER A 103 61.43 -9.74 -13.15
CA SER A 103 62.69 -10.03 -13.82
C SER A 103 62.93 -11.53 -13.99
N LYS A 104 62.40 -12.34 -13.08
CA LYS A 104 62.54 -13.78 -13.20
C LYS A 104 61.63 -14.33 -14.30
N GLY A 105 60.41 -13.84 -14.39
CA GLY A 105 59.48 -14.36 -15.36
C GLY A 105 58.15 -13.64 -15.28
N LYS A 106 57.17 -14.21 -16.00
CA LYS A 106 55.86 -13.60 -16.09
C LYS A 106 55.08 -13.78 -14.79
N LYS A 107 54.39 -12.71 -14.37
CA LYS A 107 53.59 -12.71 -13.15
C LYS A 107 52.40 -13.66 -13.29
N PRO A 108 51.88 -14.18 -12.18
CA PRO A 108 50.66 -15.00 -12.24
C PRO A 108 49.45 -14.18 -12.69
N SER A 109 48.48 -14.90 -13.27
CA SER A 109 47.26 -14.27 -13.78
C SER A 109 46.41 -13.66 -12.67
N PHE A 110 46.53 -14.16 -11.45
CA PHE A 110 45.83 -13.61 -10.29
C PHE A 110 46.85 -13.23 -9.23
N LEU A 111 46.87 -11.96 -8.86
CA LEU A 111 47.79 -11.44 -7.85
C LEU A 111 47.04 -11.24 -6.54
N ARG A 112 47.63 -11.75 -5.45
CA ARG A 112 46.97 -11.74 -4.17
C ARG A 112 47.06 -10.35 -3.52
N LYS A 113 45.92 -9.84 -3.08
CA LYS A 113 45.84 -8.56 -2.41
C LYS A 113 45.69 -8.67 -0.90
N ARG A 114 45.34 -9.85 -0.39
CA ARG A 114 45.04 -9.99 1.02
C ARG A 114 46.30 -10.17 1.85
N HIS A 115 46.11 -10.21 3.16
CA HIS A 115 47.20 -10.43 4.10
C HIS A 115 47.43 -11.93 4.22
N THR A 116 48.53 -12.42 3.64
CA THR A 116 48.84 -13.84 3.68
C THR A 116 49.36 -14.22 5.05
N LEU A 117 48.82 -15.31 5.60
CA LEU A 117 49.22 -15.74 6.94
C LEU A 117 50.57 -16.43 6.87
N GLN A 118 51.55 -15.87 7.58
CA GLN A 118 52.91 -16.42 7.62
C GLN A 118 53.32 -16.68 9.06
N TRP A 119 53.74 -17.91 9.32
CA TRP A 119 54.12 -18.38 10.64
C TRP A 119 55.64 -18.32 10.81
N GLN A 120 56.13 -18.94 11.87
CA GLN A 120 57.56 -19.11 12.06
C GLN A 120 57.99 -20.43 11.43
N ALA A 121 58.87 -20.37 10.44
CA ALA A 121 59.31 -21.56 9.74
C ALA A 121 60.30 -22.33 10.60
N ASN A 122 59.96 -23.57 10.93
CA ASN A 122 60.79 -24.43 11.77
C ASN A 122 61.18 -25.72 11.06
N ASN A 123 61.32 -25.65 9.75
CA ASN A 123 61.76 -26.82 8.99
C ASN A 123 63.25 -27.06 9.20
N LYS A 124 63.65 -28.33 9.05
CA LYS A 124 65.06 -28.70 9.27
C LYS A 124 65.94 -28.18 8.14
N ASN A 125 65.46 -28.24 6.90
CA ASN A 125 66.24 -27.83 5.74
C ASN A 125 65.40 -26.91 4.87
N ILE A 126 66.09 -26.12 4.04
CA ILE A 126 65.40 -25.24 3.12
C ILE A 126 64.75 -26.06 2.00
N CYS A 127 63.76 -25.45 1.34
CA CYS A 127 62.95 -26.15 0.36
C CYS A 127 63.53 -25.95 -1.04
N ASP A 128 63.72 -27.05 -1.76
CA ASP A 128 64.32 -27.01 -3.09
C ASP A 128 63.70 -28.13 -3.93
N LYS A 129 64.32 -28.42 -5.07
CA LYS A 129 63.79 -29.41 -6.00
C LYS A 129 63.84 -30.82 -5.43
N GLU A 130 64.92 -31.16 -4.71
CA GLU A 130 65.09 -32.51 -4.20
C GLU A 130 64.14 -32.79 -3.04
N GLU A 131 64.05 -31.87 -2.09
CA GLU A 131 63.18 -32.03 -0.93
C GLU A 131 62.46 -30.72 -0.65
N ALA A 132 61.18 -30.81 -0.31
CA ALA A 132 60.37 -29.64 -0.04
C ALA A 132 59.31 -29.97 0.99
N CYS A 133 58.87 -28.92 1.69
CA CYS A 133 57.79 -29.03 2.65
C CYS A 133 56.45 -29.22 1.92
N PRO A 134 55.42 -29.72 2.61
CA PRO A 134 54.09 -29.83 1.96
C PRO A 134 53.50 -28.52 1.49
N PHE A 135 53.82 -27.40 2.16
CA PHE A 135 53.43 -26.08 1.66
C PHE A 135 54.06 -25.78 0.31
N CYS A 136 55.38 -26.01 0.18
CA CYS A 136 56.07 -25.70 -1.06
C CYS A 136 55.70 -26.70 -2.15
N ILE A 137 55.25 -27.89 -1.77
CA ILE A 137 54.91 -28.89 -2.76
C ILE A 137 53.51 -28.65 -3.30
N LEU A 138 52.54 -28.34 -2.41
CA LEU A 138 51.19 -28.04 -2.84
C LEU A 138 51.10 -26.71 -3.57
N LEU A 139 52.04 -25.79 -3.32
CA LEU A 139 52.10 -24.55 -4.09
C LEU A 139 52.67 -24.77 -5.48
N GLY A 140 53.30 -25.93 -5.73
CA GLY A 140 54.00 -26.14 -6.97
C GLY A 140 55.22 -25.26 -7.13
N ARG A 141 56.02 -25.14 -6.08
CA ARG A 141 57.21 -24.29 -6.13
C ARG A 141 58.28 -24.89 -7.04
N PHE A 142 58.52 -26.19 -6.92
CA PHE A 142 59.67 -26.85 -7.52
C PHE A 142 59.23 -28.05 -8.36
N ASP A 143 58.26 -27.84 -9.24
CA ASP A 143 57.88 -28.82 -10.24
C ASP A 143 58.33 -28.34 -11.62
N ASN A 144 58.14 -29.21 -12.61
CA ASN A 144 58.46 -28.86 -13.99
C ASN A 144 57.39 -28.01 -14.64
N ALA A 145 56.23 -27.87 -14.01
CA ALA A 145 55.17 -26.98 -14.47
C ALA A 145 55.53 -25.55 -14.11
N GLY A 146 55.05 -24.61 -14.91
CA GLY A 146 55.33 -23.21 -14.65
C GLY A 146 54.17 -22.31 -14.99
N LYS A 147 54.45 -21.05 -15.35
CA LYS A 147 53.41 -20.11 -15.69
C LYS A 147 52.71 -20.49 -17.00
N VAL A 148 53.46 -21.06 -17.94
CA VAL A 148 52.93 -21.51 -19.21
C VAL A 148 52.68 -23.01 -19.12
N HIS A 149 51.44 -23.42 -19.36
CA HIS A 149 51.07 -24.83 -19.29
C HIS A 149 51.37 -25.50 -20.63
N GLU A 150 52.11 -26.61 -20.57
CA GLU A 150 52.42 -27.39 -21.76
C GLU A 150 51.79 -28.77 -21.71
N ARG A 151 52.09 -29.57 -20.68
CA ARG A 151 51.53 -30.89 -20.51
C ARG A 151 51.05 -31.04 -19.06
N ASN A 152 50.19 -32.02 -18.85
CA ASN A 152 49.67 -32.27 -17.50
C ASN A 152 50.60 -33.15 -16.67
N LYS A 153 51.69 -33.64 -17.23
CA LYS A 153 52.61 -34.50 -16.51
C LYS A 153 53.74 -33.73 -15.82
N ASP A 154 53.89 -32.44 -16.11
CA ASP A 154 54.91 -31.62 -15.46
C ASP A 154 54.47 -31.09 -14.10
N TYR A 155 53.24 -31.38 -13.68
CA TYR A 155 52.71 -30.84 -12.44
C TYR A 155 52.92 -31.83 -11.31
N ASP A 156 53.65 -31.42 -10.27
CA ASP A 156 53.66 -32.18 -9.03
C ASP A 156 52.28 -32.14 -8.38
N ILE A 157 51.62 -30.98 -8.42
CA ILE A 157 50.23 -30.84 -8.03
C ILE A 157 49.48 -30.19 -9.19
N HIS A 158 48.35 -30.77 -9.56
CA HIS A 158 47.56 -30.30 -10.68
C HIS A 158 46.10 -30.23 -10.27
N PHE A 159 45.47 -29.09 -10.53
CA PHE A 159 44.05 -28.91 -10.33
C PHE A 159 43.41 -28.80 -11.71
N SER A 160 42.65 -29.80 -12.10
CA SER A 160 41.95 -29.74 -13.37
C SER A 160 40.72 -28.84 -13.23
N ASN A 161 40.10 -28.54 -14.36
CA ASN A 161 38.85 -27.81 -14.35
C ASN A 161 37.74 -28.68 -13.78
N PHE A 162 36.82 -28.05 -13.07
CA PHE A 162 35.74 -28.75 -12.41
C PHE A 162 34.48 -28.56 -13.25
N ASP A 163 34.16 -29.57 -14.05
CA ASP A 163 33.02 -29.51 -14.94
C ASP A 163 31.73 -29.81 -14.19
N LEU A 164 30.64 -29.22 -14.68
CA LEU A 164 29.34 -29.38 -14.03
C LEU A 164 28.82 -30.80 -14.22
N ASP A 165 28.38 -31.41 -13.12
CA ASP A 165 27.87 -32.77 -13.12
C ASP A 165 26.35 -32.72 -13.10
N HIS A 166 25.74 -33.10 -14.21
CA HIS A 166 24.28 -33.08 -14.33
C HIS A 166 23.81 -34.08 -15.38
N ASP A 172 21.52 -29.84 -24.94
CA ASP A 172 22.54 -28.97 -24.34
C ASP A 172 21.95 -28.13 -23.21
N LEU A 173 22.81 -27.70 -22.29
CA LEU A 173 22.38 -26.92 -21.13
C LEU A 173 22.33 -25.44 -21.50
N ARG A 174 21.18 -24.82 -21.27
CA ARG A 174 20.99 -23.41 -21.57
C ARG A 174 21.28 -22.56 -20.34
N LEU A 175 21.64 -21.31 -20.59
CA LEU A 175 22.00 -20.40 -19.50
C LEU A 175 20.80 -20.02 -18.64
N VAL A 176 19.62 -19.87 -19.26
CA VAL A 176 18.42 -19.55 -18.52
C VAL A 176 17.97 -20.69 -17.61
N ASP A 177 18.36 -21.92 -17.93
CA ASP A 177 18.04 -23.05 -17.06
C ASP A 177 18.90 -23.07 -15.80
N ILE A 178 20.17 -22.68 -15.92
CA ILE A 178 21.09 -22.82 -14.80
C ILE A 178 21.14 -21.56 -13.95
N ALA A 179 21.14 -20.39 -14.56
CA ALA A 179 21.42 -19.14 -13.86
C ALA A 179 20.27 -18.15 -14.03
N SER A 180 20.21 -17.22 -13.08
CA SER A 180 19.32 -16.07 -13.16
C SER A 180 20.16 -14.82 -12.95
N GLY A 181 20.05 -13.87 -13.88
CA GLY A 181 20.82 -12.65 -13.78
C GLY A 181 20.26 -11.76 -12.69
N ARG A 182 21.09 -11.34 -11.75
CA ARG A 182 20.64 -10.51 -10.64
C ARG A 182 21.52 -9.29 -10.48
N ILE A 183 20.87 -8.15 -10.30
CA ILE A 183 21.55 -6.89 -10.00
C ILE A 183 21.78 -6.83 -8.50
N LEU A 184 23.03 -6.69 -8.09
CA LEU A 184 23.36 -6.48 -6.69
C LEU A 184 23.48 -4.98 -6.42
N ASN A 185 24.02 -4.61 -5.27
CA ASN A 185 23.96 -3.20 -4.87
C ASN A 185 25.13 -2.86 -3.97
N ARG A 186 25.36 -1.57 -3.80
CA ARG A 186 26.29 -1.04 -2.80
C ARG A 186 25.65 0.18 -2.18
N VAL A 187 24.98 -0.02 -1.05
CA VAL A 187 24.21 1.04 -0.40
C VAL A 187 25.12 1.89 0.46
N ASP A 188 25.09 3.20 0.25
CA ASP A 188 25.84 4.12 1.07
C ASP A 188 25.22 4.22 2.47
N PHE A 189 26.07 4.26 3.49
CA PHE A 189 25.59 4.24 4.87
C PHE A 189 25.03 5.60 5.28
N ASP A 190 25.66 6.68 4.82
CA ASP A 190 25.27 8.01 5.27
C ASP A 190 23.96 8.46 4.63
N THR A 191 23.74 8.12 3.36
CA THR A 191 22.56 8.54 2.66
C THR A 191 21.47 7.49 2.60
N GLY A 192 21.83 6.20 2.65
CA GLY A 192 20.85 5.14 2.54
C GLY A 192 20.49 4.76 1.12
N LYS A 193 21.00 5.47 0.12
CA LYS A 193 20.79 5.18 -1.29
C LYS A 193 22.02 4.46 -1.82
N ALA A 194 21.80 3.52 -2.74
CA ALA A 194 22.89 2.79 -3.36
C ALA A 194 23.78 3.72 -4.18
N LYS A 195 25.08 3.61 -3.96
CA LYS A 195 26.04 4.35 -4.78
C LYS A 195 26.08 3.80 -6.20
N ASP A 196 26.06 2.47 -6.34
CA ASP A 196 26.17 1.83 -7.64
C ASP A 196 25.57 0.44 -7.55
N TYR A 197 25.66 -0.30 -8.66
CA TYR A 197 25.11 -1.64 -8.75
C TYR A 197 25.97 -2.45 -9.72
N PHE A 198 25.83 -3.78 -9.65
CA PHE A 198 26.50 -4.67 -10.60
C PHE A 198 25.74 -5.98 -10.70
N ARG A 199 26.05 -6.74 -11.75
CA ARG A 199 25.29 -7.92 -12.12
C ARG A 199 26.10 -9.19 -11.84
N THR A 200 25.37 -10.24 -11.46
CA THR A 200 25.93 -11.60 -11.39
C THR A 200 24.95 -12.53 -12.07
N TRP A 201 25.37 -13.79 -12.28
CA TRP A 201 24.43 -14.84 -12.66
C TRP A 201 24.33 -15.79 -11.46
N GLU A 202 23.34 -15.57 -10.62
CA GLU A 202 23.14 -16.46 -9.48
C GLU A 202 22.60 -17.78 -10.01
N ALA A 203 23.39 -18.83 -9.88
CA ALA A 203 23.08 -20.09 -10.53
C ALA A 203 22.41 -21.05 -9.56
N ASP A 204 21.65 -21.98 -10.13
CA ASP A 204 20.84 -22.91 -9.36
C ASP A 204 21.73 -23.98 -8.75
N TYR A 205 21.96 -23.88 -7.43
CA TYR A 205 22.74 -24.88 -6.73
C TYR A 205 21.98 -26.18 -6.49
N GLU A 206 20.65 -26.14 -6.54
CA GLU A 206 19.87 -27.34 -6.25
C GLU A 206 19.90 -28.33 -7.41
N THR A 207 20.02 -27.84 -8.64
CA THR A 207 20.12 -28.70 -9.82
C THR A 207 21.53 -28.77 -10.38
N TYR A 208 22.26 -27.66 -10.34
CA TYR A 208 23.57 -27.54 -10.97
C TYR A 208 24.60 -27.02 -9.99
N GLY A 209 24.61 -27.57 -8.78
CA GLY A 209 25.56 -27.21 -7.77
C GLY A 209 26.68 -28.21 -7.55
N THR A 210 26.73 -29.29 -8.31
CA THR A 210 27.74 -30.33 -8.16
C THR A 210 28.73 -30.23 -9.31
N TYR A 211 30.00 -29.99 -8.98
CA TYR A 211 31.05 -29.82 -9.99
C TYR A 211 32.15 -30.83 -9.72
N THR A 212 32.42 -31.68 -10.70
CA THR A 212 33.39 -32.76 -10.57
C THR A 212 34.66 -32.40 -11.35
N GLY A 213 35.81 -32.62 -10.71
CA GLY A 213 37.09 -32.41 -11.35
C GLY A 213 38.09 -33.42 -10.85
N ARG A 214 39.34 -33.22 -11.25
CA ARG A 214 40.42 -34.12 -10.87
C ARG A 214 41.57 -33.32 -10.27
N ILE A 215 42.19 -33.86 -9.24
CA ILE A 215 43.42 -33.33 -8.67
C ILE A 215 44.49 -34.39 -8.82
N THR A 216 45.57 -34.05 -9.52
CA THR A 216 46.66 -34.98 -9.77
C THR A 216 47.83 -34.62 -8.87
N LEU A 217 48.11 -35.48 -7.89
CA LEU A 217 49.22 -35.28 -6.98
C LEU A 217 50.22 -36.40 -7.19
N ARG A 218 51.49 -36.04 -7.41
CA ARG A 218 52.47 -37.06 -7.75
C ARG A 218 53.01 -37.77 -6.51
N ASN A 219 53.60 -37.03 -5.58
CA ASN A 219 54.17 -37.65 -4.39
C ASN A 219 53.25 -37.45 -3.19
N GLU A 220 53.27 -38.42 -2.27
CA GLU A 220 52.32 -38.52 -1.17
C GLU A 220 52.66 -37.64 0.02
N HIS A 221 53.81 -36.95 0.01
CA HIS A 221 54.30 -36.25 1.20
C HIS A 221 53.44 -35.06 1.56
N ALA A 222 52.77 -34.43 0.60
CA ALA A 222 51.77 -33.40 0.86
C ALA A 222 50.37 -33.92 0.64
N LYS A 223 50.16 -35.21 0.86
CA LYS A 223 48.87 -35.81 0.50
C LYS A 223 47.80 -35.47 1.53
N LYS A 224 48.05 -35.82 2.80
CA LYS A 224 47.02 -35.73 3.84
C LYS A 224 46.57 -34.30 4.09
N LEU A 225 47.52 -33.35 4.08
CA LEU A 225 47.21 -31.93 4.17
C LEU A 225 46.28 -31.49 3.06
N LEU A 226 46.46 -32.04 1.86
CA LEU A 226 45.55 -31.77 0.75
C LEU A 226 44.14 -32.29 1.04
N LEU A 227 44.02 -33.49 1.64
CA LEU A 227 42.69 -33.93 2.03
C LEU A 227 42.16 -33.13 3.21
N ALA A 228 43.06 -32.49 3.97
CA ALA A 228 42.61 -31.51 4.94
C ALA A 228 42.06 -30.28 4.25
N SER A 229 42.73 -29.85 3.17
CA SER A 229 42.43 -28.57 2.53
C SER A 229 41.08 -28.60 1.83
N LEU A 230 40.77 -29.73 1.19
CA LEU A 230 39.45 -29.94 0.60
C LEU A 230 38.37 -29.94 1.66
N GLY A 231 38.71 -30.40 2.88
CA GLY A 231 37.77 -30.29 3.97
C GLY A 231 37.71 -28.93 4.61
N PHE A 232 38.59 -28.01 4.22
CA PHE A 232 38.67 -26.71 4.85
C PHE A 232 38.28 -25.57 3.93
N VAL A 233 38.14 -25.81 2.63
CA VAL A 233 37.67 -24.77 1.72
C VAL A 233 36.18 -24.55 1.98
N ASP A 234 35.84 -23.34 2.42
CA ASP A 234 34.47 -23.00 2.74
C ASP A 234 33.78 -22.19 1.66
N LYS A 235 34.54 -21.60 0.74
CA LYS A 235 33.97 -20.69 -0.24
C LYS A 235 34.55 -20.96 -1.62
N LEU A 236 33.66 -21.05 -2.60
CA LEU A 236 34.02 -21.01 -4.00
C LEU A 236 32.88 -20.34 -4.74
N CYS A 237 33.20 -19.42 -5.65
CA CYS A 237 32.26 -18.81 -6.59
C CYS A 237 31.10 -18.08 -5.90
N GLY A 238 31.34 -17.53 -4.72
CA GLY A 238 30.31 -16.80 -4.01
C GLY A 238 29.33 -17.64 -3.22
N ALA A 239 29.72 -18.84 -2.79
CA ALA A 239 28.78 -19.72 -2.10
C ALA A 239 29.53 -20.61 -1.12
N LEU A 240 28.79 -21.11 -0.14
CA LEU A 240 29.33 -22.12 0.76
C LEU A 240 29.51 -23.43 0.01
N CYS A 241 30.56 -24.16 0.37
CA CYS A 241 30.97 -25.34 -0.38
C CYS A 241 31.30 -26.48 0.57
N ARG A 242 31.00 -27.70 0.15
CA ARG A 242 31.64 -28.89 0.71
C ARG A 242 32.35 -29.59 -0.43
N ILE A 243 33.67 -29.72 -0.29
CA ILE A 243 34.51 -30.36 -1.29
C ILE A 243 34.89 -31.74 -0.79
N GLU A 244 34.44 -32.78 -1.49
CA GLU A 244 34.64 -34.15 -1.07
C GLU A 244 35.46 -34.88 -2.12
N VAL A 245 36.19 -35.91 -1.67
CA VAL A 245 36.87 -36.80 -2.59
C VAL A 245 35.89 -37.85 -3.07
N ILE A 246 35.89 -38.11 -4.39
CA ILE A 246 34.94 -38.97 -5.11
C ILE A 246 33.52 -38.49 -4.91
N ASP A 274 6.35 -21.88 -27.72
CA ASP A 274 6.66 -21.20 -26.47
C ASP A 274 5.42 -20.50 -25.91
N HIS A 275 5.21 -20.65 -24.60
CA HIS A 275 4.04 -20.04 -23.96
C HIS A 275 4.17 -18.53 -23.88
N ASN A 276 5.39 -18.02 -23.68
CA ASN A 276 5.59 -16.59 -23.43
C ASN A 276 5.32 -15.77 -24.68
N ASP A 277 5.71 -16.26 -25.85
CA ASP A 277 5.49 -15.53 -27.10
C ASP A 277 4.00 -15.44 -27.43
N GLU A 278 3.27 -16.54 -27.30
CA GLU A 278 1.84 -16.53 -27.60
C GLU A 278 1.07 -15.74 -26.55
N LEU A 279 1.48 -15.81 -25.29
CA LEU A 279 0.82 -15.00 -24.25
C LEU A 279 1.13 -13.52 -24.42
N ARG A 280 2.33 -13.17 -24.90
CA ARG A 280 2.62 -11.77 -25.22
C ARG A 280 1.81 -11.28 -26.41
N LYS A 281 1.60 -12.15 -27.40
CA LYS A 281 0.73 -11.79 -28.54
C LYS A 281 -0.71 -11.58 -28.10
N GLN A 282 -1.22 -12.46 -27.23
CA GLN A 282 -2.60 -12.33 -26.75
C GLN A 282 -2.75 -11.14 -25.81
N ALA A 283 -1.73 -10.84 -25.00
CA ALA A 283 -1.74 -9.63 -24.20
C ALA A 283 -1.69 -8.37 -25.06
N GLU A 284 -0.94 -8.44 -26.18
CA GLU A 284 -0.90 -7.33 -27.12
C GLU A 284 -2.26 -7.10 -27.77
N VAL A 285 -2.97 -8.18 -28.11
CA VAL A 285 -4.27 -8.01 -28.74
C VAL A 285 -5.32 -7.59 -27.70
N ILE A 286 -5.12 -7.94 -26.42
CA ILE A 286 -5.98 -7.45 -25.35
C ILE A 286 -5.76 -5.94 -25.14
N VAL A 287 -4.50 -5.50 -25.17
CA VAL A 287 -4.18 -4.08 -25.05
C VAL A 287 -4.74 -3.31 -26.24
N GLU A 288 -4.66 -3.89 -27.43
CA GLU A 288 -5.24 -3.27 -28.63
C GLU A 288 -6.76 -3.14 -28.52
N ALA A 289 -7.44 -4.19 -28.04
CA ALA A 289 -8.88 -4.14 -27.85
C ALA A 289 -9.28 -3.15 -26.76
N PHE A 290 -8.47 -2.99 -25.73
CA PHE A 290 -8.72 -1.98 -24.72
C PHE A 290 -8.49 -0.57 -25.27
N LYS A 291 -7.49 -0.42 -26.15
CA LYS A 291 -7.22 0.86 -26.78
C LYS A 291 -8.29 1.25 -27.78
N GLN A 292 -9.01 0.27 -28.35
CA GLN A 292 -10.17 0.60 -29.18
C GLN A 292 -11.28 1.24 -28.36
N ASN A 293 -11.39 0.90 -27.07
CA ASN A 293 -12.34 1.53 -26.17
C ASN A 293 -11.75 2.69 -25.39
N ASP A 294 -10.49 3.07 -25.70
CA ASP A 294 -9.73 4.10 -24.97
C ASP A 294 -9.63 3.79 -23.48
N LYS A 295 -9.34 2.54 -23.15
CA LYS A 295 -9.19 2.08 -21.78
C LYS A 295 -7.80 1.50 -21.55
N LEU A 296 -6.77 2.20 -22.04
CA LEU A 296 -5.39 1.74 -21.84
C LEU A 296 -4.97 1.86 -20.38
N GLU A 297 -5.43 2.90 -19.68
CA GLU A 297 -5.04 3.13 -18.29
C GLU A 297 -5.56 2.05 -17.34
N LYS A 298 -6.62 1.34 -17.73
CA LYS A 298 -7.10 0.19 -16.97
C LYS A 298 -6.27 -1.06 -17.21
N ILE A 299 -5.59 -1.14 -18.36
CA ILE A 299 -4.74 -2.28 -18.72
C ILE A 299 -3.70 -2.55 -17.64
N ARG A 300 -3.08 -1.46 -17.13
CA ARG A 300 -2.14 -1.52 -16.03
C ARG A 300 -2.74 -2.20 -14.82
N ILE A 301 -3.92 -1.74 -14.38
CA ILE A 301 -4.50 -2.35 -13.19
C ILE A 301 -5.03 -3.73 -13.52
N LEU A 302 -5.41 -3.95 -14.80
CA LEU A 302 -5.79 -5.28 -15.24
C LEU A 302 -4.64 -6.26 -15.07
N ALA A 303 -3.42 -5.79 -15.40
CA ALA A 303 -2.22 -6.60 -15.19
C ALA A 303 -2.08 -6.98 -13.73
N ASP A 304 -2.27 -5.99 -12.85
CA ASP A 304 -2.20 -6.22 -11.41
C ASP A 304 -3.30 -7.19 -10.98
N ALA A 305 -4.49 -7.03 -11.57
CA ALA A 305 -5.60 -7.93 -11.27
C ALA A 305 -5.28 -9.35 -11.68
N ILE A 306 -4.67 -9.52 -12.86
CA ILE A 306 -4.28 -10.85 -13.29
C ILE A 306 -3.11 -11.35 -12.43
N ARG A 307 -2.23 -10.43 -12.03
CA ARG A 307 -1.16 -10.82 -11.14
C ARG A 307 -1.64 -11.06 -9.71
N THR A 308 -2.88 -10.70 -9.39
CA THR A 308 -3.47 -11.08 -8.13
C THR A 308 -4.23 -12.40 -8.24
N LEU A 309 -4.57 -12.81 -9.47
CA LEU A 309 -5.34 -14.03 -9.69
C LEU A 309 -4.58 -15.30 -9.34
N ARG A 310 -3.26 -15.23 -9.19
CA ARG A 310 -2.48 -16.35 -8.71
C ARG A 310 -2.74 -16.64 -7.23
N LEU A 311 -3.26 -15.67 -6.49
CA LEU A 311 -3.60 -15.88 -5.09
C LEU A 311 -4.98 -16.48 -4.90
N HIS A 312 -5.75 -16.66 -5.97
CA HIS A 312 -7.10 -17.18 -5.89
C HIS A 312 -7.28 -18.51 -6.59
N GLY A 313 -6.24 -19.05 -7.21
CA GLY A 313 -6.31 -20.37 -7.81
C GLY A 313 -6.98 -20.35 -9.17
N GLU A 314 -7.06 -21.56 -9.75
CA GLU A 314 -7.65 -21.74 -11.06
C GLU A 314 -9.14 -21.46 -11.09
N GLY A 315 -9.86 -21.82 -10.02
CA GLY A 315 -11.30 -21.76 -9.95
C GLY A 315 -11.91 -20.38 -10.03
N VAL A 316 -11.11 -19.33 -9.81
CA VAL A 316 -11.60 -17.97 -9.98
C VAL A 316 -11.86 -17.64 -11.45
N ILE A 317 -11.30 -18.43 -12.38
CA ILE A 317 -11.57 -18.29 -13.79
C ILE A 317 -12.40 -19.46 -14.31
N GLU A 318 -12.11 -20.68 -13.83
CA GLU A 318 -12.85 -21.86 -14.27
C GLU A 318 -14.30 -21.84 -13.79
N LYS A 319 -14.53 -21.47 -12.53
CA LYS A 319 -15.88 -21.37 -12.00
C LYS A 319 -16.44 -19.97 -12.09
N ASP A 320 -15.69 -19.03 -12.69
CA ASP A 320 -16.11 -17.64 -12.94
C ASP A 320 -16.51 -16.91 -11.66
N GLU A 321 -15.60 -16.84 -10.70
CA GLU A 321 -15.82 -16.03 -9.51
C GLU A 321 -15.27 -14.61 -9.64
N LEU A 322 -15.05 -14.13 -10.86
CA LEU A 322 -14.78 -12.72 -11.05
C LEU A 322 -16.05 -11.92 -10.78
N PRO A 323 -15.93 -10.69 -10.29
CA PRO A 323 -17.11 -9.85 -10.08
C PRO A 323 -17.81 -9.50 -11.38
N ASP A 324 -19.14 -9.48 -11.33
CA ASP A 324 -19.96 -9.27 -12.52
C ASP A 324 -20.35 -7.80 -12.71
N GLY A 325 -20.01 -6.94 -11.78
CA GLY A 325 -20.43 -5.55 -11.84
C GLY A 325 -21.85 -5.36 -11.31
N LYS A 326 -22.23 -4.10 -11.18
CA LYS A 326 -23.54 -3.76 -10.64
C LYS A 326 -24.63 -4.09 -11.65
N GLU A 327 -25.76 -4.58 -11.14
CA GLU A 327 -26.88 -4.97 -11.99
C GLU A 327 -27.63 -3.78 -12.56
N GLU A 328 -27.39 -2.57 -12.05
CA GLU A 328 -28.03 -1.38 -12.60
C GLU A 328 -27.49 -1.06 -13.99
N ARG A 329 -26.19 -1.25 -14.20
CA ARG A 329 -25.58 -1.02 -15.50
C ARG A 329 -25.67 -2.29 -16.34
N ASP A 330 -26.20 -2.16 -17.55
CA ASP A 330 -26.41 -3.31 -18.43
C ASP A 330 -25.12 -3.83 -19.04
N LYS A 331 -24.04 -3.07 -18.99
CA LYS A 331 -22.75 -3.46 -19.55
C LYS A 331 -21.91 -4.31 -18.60
N GLY A 332 -22.40 -4.59 -17.40
CA GLY A 332 -21.70 -5.48 -16.50
C GLY A 332 -20.51 -4.83 -15.81
N HIS A 333 -19.47 -5.63 -15.60
CA HIS A 333 -18.27 -5.16 -14.92
C HIS A 333 -17.50 -4.19 -15.81
N HIS A 334 -16.89 -3.18 -15.18
CA HIS A 334 -16.18 -2.15 -15.93
C HIS A 334 -14.87 -2.66 -16.52
N LEU A 335 -14.32 -3.74 -16.00
CA LEU A 335 -13.08 -4.30 -16.50
C LEU A 335 -13.26 -5.69 -17.09
N TRP A 336 -13.86 -6.61 -16.36
CA TRP A 336 -13.91 -8.01 -16.76
C TRP A 336 -14.95 -8.29 -17.84
N ASP A 337 -15.84 -7.35 -18.13
CA ASP A 337 -16.83 -7.52 -19.18
C ASP A 337 -16.52 -6.67 -20.40
N ILE A 338 -15.27 -6.19 -20.52
CA ILE A 338 -14.85 -5.46 -21.70
C ILE A 338 -14.71 -6.43 -22.87
N LYS A 339 -15.34 -6.12 -23.99
CA LYS A 339 -15.30 -6.98 -25.15
C LYS A 339 -13.93 -6.93 -25.80
N VAL A 340 -13.24 -8.07 -25.82
CA VAL A 340 -11.97 -8.22 -26.52
C VAL A 340 -12.19 -9.17 -27.68
N GLN A 341 -12.10 -8.64 -28.90
CA GLN A 341 -12.36 -9.36 -30.16
C GLN A 341 -13.73 -10.02 -30.17
N GLY A 342 -14.75 -9.29 -29.72
CA GLY A 342 -16.13 -9.73 -29.78
C GLY A 342 -16.62 -10.50 -28.58
N THR A 343 -15.72 -10.99 -27.73
CA THR A 343 -16.09 -11.73 -26.54
C THR A 343 -15.57 -11.01 -25.30
N ALA A 344 -16.22 -11.28 -24.17
CA ALA A 344 -15.91 -10.60 -22.92
C ALA A 344 -14.54 -11.02 -22.38
N LEU A 345 -14.00 -10.18 -21.49
CA LEU A 345 -12.66 -10.41 -20.98
C LEU A 345 -12.60 -11.61 -20.04
N ARG A 346 -13.69 -11.89 -19.32
CA ARG A 346 -13.72 -13.07 -18.45
C ARG A 346 -13.69 -14.37 -19.27
N THR A 347 -14.46 -14.45 -20.35
CA THR A 347 -14.40 -15.60 -21.23
C THR A 347 -13.13 -15.66 -22.08
N LYS A 348 -12.55 -14.50 -22.42
CA LYS A 348 -11.26 -14.49 -23.10
C LYS A 348 -10.17 -15.01 -22.18
N LEU A 349 -10.23 -14.65 -20.90
CA LEU A 349 -9.29 -15.19 -19.91
C LEU A 349 -9.54 -16.67 -19.66
N LYS A 350 -10.79 -17.11 -19.73
CA LYS A 350 -11.11 -18.54 -19.71
C LYS A 350 -10.46 -19.28 -20.88
N GLU A 351 -10.57 -18.71 -22.08
CA GLU A 351 -9.95 -19.31 -23.26
C GLU A 351 -8.43 -19.31 -23.16
N LEU A 352 -7.86 -18.23 -22.63
CA LEU A 352 -6.41 -18.15 -22.46
C LEU A 352 -5.90 -19.17 -21.44
N TRP A 353 -6.64 -19.36 -20.35
CA TRP A 353 -6.23 -20.35 -19.36
C TRP A 353 -6.40 -21.77 -19.89
N GLN A 354 -7.47 -22.01 -20.67
CA GLN A 354 -7.65 -23.34 -21.25
C GLN A 354 -6.59 -23.63 -22.31
N SER A 355 -6.13 -22.61 -23.03
CA SER A 355 -5.02 -22.78 -23.95
C SER A 355 -3.67 -22.84 -23.26
N ASN A 356 -3.56 -22.38 -22.02
CA ASN A 356 -2.30 -22.37 -21.29
C ASN A 356 -2.41 -23.13 -19.98
N LYS A 357 -3.08 -24.29 -20.00
CA LYS A 357 -3.11 -25.16 -18.85
C LYS A 357 -1.85 -25.99 -18.69
N ASP A 358 -0.97 -26.00 -19.69
CA ASP A 358 0.28 -26.75 -19.61
C ASP A 358 1.21 -26.18 -18.57
N ILE A 359 1.36 -24.85 -18.54
CA ILE A 359 2.05 -24.19 -17.44
C ILE A 359 1.07 -24.06 -16.29
N GLY A 360 1.57 -23.77 -15.10
CA GLY A 360 0.70 -23.65 -13.94
C GLY A 360 -0.12 -22.38 -13.96
N TRP A 361 -1.07 -22.31 -13.04
CA TRP A 361 -1.90 -21.12 -12.92
C TRP A 361 -1.10 -19.91 -12.45
N ARG A 362 -0.17 -20.12 -11.51
CA ARG A 362 0.70 -19.05 -11.05
C ARG A 362 1.58 -18.53 -12.18
N LYS A 363 2.17 -19.44 -12.96
CA LYS A 363 3.02 -19.04 -14.08
C LYS A 363 2.22 -18.36 -15.18
N PHE A 364 1.01 -18.86 -15.46
CA PHE A 364 0.16 -18.25 -16.48
C PHE A 364 -0.27 -16.84 -16.08
N THR A 365 -0.68 -16.65 -14.82
CA THR A 365 -1.09 -15.33 -14.36
C THR A 365 0.09 -14.38 -14.25
N GLU A 366 1.24 -14.86 -13.76
CA GLU A 366 2.43 -14.02 -13.66
C GLU A 366 2.91 -13.60 -15.04
N MET A 367 2.89 -14.52 -16.01
CA MET A 367 3.36 -14.20 -17.35
C MET A 367 2.39 -13.31 -18.09
N LEU A 368 1.08 -13.51 -17.91
CA LEU A 368 0.10 -12.64 -18.55
C LEU A 368 0.09 -11.24 -17.95
N GLY A 369 0.17 -11.13 -16.62
CA GLY A 369 0.24 -9.82 -16.00
C GLY A 369 1.54 -9.10 -16.29
N SER A 370 2.66 -9.83 -16.35
CA SER A 370 3.93 -9.23 -16.73
C SER A 370 3.92 -8.77 -18.17
N ASN A 371 3.31 -9.54 -19.07
CA ASN A 371 3.21 -9.14 -20.47
C ASN A 371 2.32 -7.92 -20.64
N LEU A 372 1.19 -7.88 -19.91
CA LEU A 372 0.30 -6.72 -19.98
C LEU A 372 0.96 -5.47 -19.42
N TYR A 373 1.70 -5.61 -18.31
CA TYR A 373 2.43 -4.47 -17.75
C TYR A 373 3.54 -4.01 -18.67
N LEU A 374 4.24 -4.95 -19.33
CA LEU A 374 5.31 -4.58 -20.24
C LEU A 374 4.78 -3.89 -21.49
N ILE A 375 3.65 -4.36 -22.02
CA ILE A 375 3.05 -3.72 -23.18
C ILE A 375 2.48 -2.35 -22.81
N TYR A 376 1.90 -2.21 -21.61
CA TYR A 376 1.44 -0.90 -21.15
C TYR A 376 2.60 0.06 -20.95
N LYS A 377 3.74 -0.43 -20.44
CA LYS A 377 4.91 0.41 -20.28
C LYS A 377 5.52 0.79 -21.62
N LYS A 378 5.43 -0.09 -22.61
CA LYS A 378 5.91 0.22 -23.96
C LYS A 378 5.03 1.25 -24.64
N GLU A 379 3.71 1.12 -24.51
CA GLU A 379 2.79 2.05 -25.15
C GLU A 379 2.81 3.42 -24.49
N THR A 380 3.10 3.46 -23.19
CA THR A 380 3.18 4.73 -22.48
C THR A 380 4.63 5.19 -22.33
N THR A 393 24.19 4.09 -11.46
CA THR A 393 25.33 3.80 -12.33
C THR A 393 25.88 2.42 -12.05
N GLU A 394 26.39 1.75 -13.09
CA GLU A 394 26.91 0.40 -12.96
C GLU A 394 28.42 0.45 -12.74
N TYR A 395 28.90 -0.26 -11.72
CA TYR A 395 30.29 -0.22 -11.33
C TYR A 395 30.75 -1.64 -11.03
N TYR A 396 31.86 -2.04 -11.65
CA TYR A 396 32.60 -3.23 -11.28
C TYR A 396 34.02 -2.83 -10.89
N SER A 397 34.58 -3.54 -9.91
CA SER A 397 35.95 -3.36 -9.42
C SER A 397 36.27 -1.94 -8.97
N SER A 405 49.83 -1.83 -7.79
CA SER A 405 50.91 -1.94 -6.82
C SER A 405 50.74 -3.18 -5.94
N ASP A 406 51.31 -4.30 -6.39
CA ASP A 406 51.24 -5.54 -5.63
C ASP A 406 52.15 -5.46 -4.40
N LEU A 407 51.69 -6.06 -3.30
CA LEU A 407 52.44 -6.05 -2.06
C LEU A 407 52.17 -7.34 -1.31
N PHE A 408 53.24 -7.93 -0.77
CA PHE A 408 53.13 -9.14 0.05
C PHE A 408 53.04 -8.71 1.51
N ILE A 409 51.94 -9.08 2.16
CA ILE A 409 51.69 -8.67 3.54
C ILE A 409 51.68 -9.91 4.44
N PRO A 410 52.80 -10.25 5.07
CA PRO A 410 52.79 -11.37 6.03
C PRO A 410 52.16 -10.97 7.34
N VAL A 411 51.30 -11.84 7.86
CA VAL A 411 50.67 -11.64 9.16
C VAL A 411 51.01 -12.85 10.02
N THR A 412 51.64 -12.58 11.16
CA THR A 412 51.99 -13.64 12.11
C THR A 412 51.17 -13.46 13.38
N PRO A 413 50.19 -14.32 13.64
CA PRO A 413 49.49 -14.25 14.92
C PRO A 413 50.41 -14.66 16.05
N PRO A 414 50.20 -14.14 17.26
CA PRO A 414 51.06 -14.51 18.39
C PRO A 414 50.88 -15.97 18.79
N GLU A 415 51.95 -16.56 19.29
CA GLU A 415 51.91 -17.94 19.74
C GLU A 415 51.05 -18.07 21.00
N GLY A 416 50.26 -19.13 21.05
CA GLY A 416 49.32 -19.31 22.13
C GLY A 416 47.96 -18.67 21.91
N ILE A 417 47.76 -17.95 20.81
CA ILE A 417 46.43 -17.43 20.51
C ILE A 417 45.52 -18.57 20.08
N GLU A 418 44.22 -18.37 20.27
CA GLU A 418 43.21 -19.39 20.02
C GLU A 418 42.24 -18.87 18.96
N THR A 419 42.43 -19.29 17.73
CA THR A 419 41.48 -19.00 16.67
C THR A 419 40.29 -19.94 16.80
N LYS A 420 39.09 -19.37 16.75
CA LYS A 420 37.85 -20.14 16.91
C LYS A 420 36.87 -19.76 15.82
N GLU A 421 35.89 -20.64 15.61
CA GLU A 421 34.86 -20.48 14.61
C GLU A 421 33.50 -20.53 15.31
N TRP A 422 32.86 -19.39 15.46
CA TRP A 422 31.52 -19.34 16.03
C TRP A 422 30.48 -19.46 14.93
N ILE A 423 29.51 -20.33 15.15
CA ILE A 423 28.39 -20.54 14.24
C ILE A 423 27.12 -20.11 14.98
N ILE A 424 26.47 -19.08 14.47
CA ILE A 424 25.24 -18.55 15.03
C ILE A 424 24.11 -18.95 14.08
N VAL A 425 23.22 -19.83 14.54
CA VAL A 425 22.09 -20.27 13.73
C VAL A 425 20.82 -19.77 14.39
N GLY A 426 19.86 -19.38 13.56
CA GLY A 426 18.59 -18.91 14.07
C GLY A 426 17.56 -18.86 12.97
N ARG A 427 16.43 -18.26 13.30
CA ARG A 427 15.35 -18.04 12.36
C ARG A 427 15.15 -16.55 12.18
N LEU A 428 15.04 -16.11 10.93
CA LEU A 428 14.91 -14.71 10.58
C LEU A 428 13.44 -14.42 10.28
N LYS A 429 12.67 -14.22 11.35
CA LYS A 429 11.23 -14.05 11.20
C LYS A 429 10.93 -12.65 10.68
N ALA A 430 10.04 -12.56 9.71
CA ALA A 430 9.62 -11.26 9.18
C ALA A 430 8.65 -10.63 10.17
N ALA A 431 9.12 -9.64 10.93
CA ALA A 431 8.22 -8.91 11.82
C ALA A 431 7.29 -7.98 11.07
N THR A 432 7.66 -7.61 9.85
CA THR A 432 6.91 -6.77 8.94
C THR A 432 6.83 -7.51 7.61
N PRO A 433 5.90 -7.14 6.73
CA PRO A 433 6.00 -7.59 5.33
C PRO A 433 7.30 -7.11 4.73
N PHE A 434 7.94 -7.99 3.95
CA PHE A 434 9.31 -7.73 3.50
C PHE A 434 9.36 -7.61 1.98
N TYR A 435 10.34 -6.85 1.51
CA TYR A 435 10.56 -6.67 0.08
C TYR A 435 12.04 -6.76 -0.21
N PHE A 436 12.43 -7.77 -0.99
CA PHE A 436 13.78 -7.89 -1.52
C PHE A 436 13.70 -7.63 -3.01
N GLY A 437 14.34 -6.54 -3.44
CA GLY A 437 14.12 -6.06 -4.79
C GLY A 437 14.87 -6.89 -5.82
N VAL A 438 14.21 -7.09 -6.96
CA VAL A 438 14.80 -7.73 -8.13
C VAL A 438 14.29 -6.99 -9.35
N GLN A 439 15.03 -7.10 -10.45
CA GLN A 439 14.62 -6.48 -11.70
C GLN A 439 13.54 -7.32 -12.37
N GLN A 440 13.00 -6.80 -13.46
CA GLN A 440 12.00 -7.54 -14.22
C GLN A 440 12.66 -8.75 -14.91
N PRO A 441 11.97 -9.89 -14.96
CA PRO A 441 12.55 -11.07 -15.64
C PRO A 441 12.77 -10.89 -17.13
N SER A 442 12.08 -9.95 -17.78
CA SER A 442 12.43 -9.59 -19.15
C SER A 442 13.77 -8.87 -19.20
N ASP A 443 14.11 -8.11 -18.16
CA ASP A 443 15.39 -7.43 -18.08
C ASP A 443 16.44 -8.22 -17.31
N SER A 444 16.07 -9.33 -16.68
CA SER A 444 17.00 -10.14 -15.91
C SER A 444 17.36 -11.43 -16.64
N ILE A 445 17.31 -11.41 -17.96
CA ILE A 445 17.67 -12.57 -18.78
C ILE A 445 19.19 -12.70 -18.74
N PRO A 446 19.73 -13.86 -18.32
CA PRO A 446 21.19 -14.01 -18.26
C PRO A 446 21.85 -14.09 -19.63
N GLY A 447 21.14 -14.59 -20.63
CA GLY A 447 21.72 -14.69 -21.96
C GLY A 447 21.93 -13.34 -22.63
N LYS A 448 20.98 -12.43 -22.47
CA LYS A 448 20.99 -11.15 -23.17
C LYS A 448 21.09 -10.01 -22.17
N GLU A 449 22.19 -9.27 -22.23
CA GLU A 449 22.38 -8.07 -21.41
C GLU A 449 22.90 -6.91 -22.26
N GLU A 460 12.56 3.79 -13.98
CA GLU A 460 11.99 3.50 -15.28
C GLU A 460 10.80 2.56 -15.15
N HIS A 461 11.02 1.42 -14.49
CA HIS A 461 9.94 0.47 -14.23
C HIS A 461 9.07 0.96 -13.08
N THR A 462 7.88 0.38 -12.98
CA THR A 462 6.93 0.81 -11.96
C THR A 462 6.37 -0.39 -11.19
N SER A 463 6.32 -1.56 -11.82
CA SER A 463 5.92 -2.78 -11.13
C SER A 463 7.19 -3.50 -10.70
N PHE A 464 7.33 -3.73 -9.40
CA PHE A 464 8.54 -4.31 -8.83
C PHE A 464 8.22 -5.69 -8.27
N ASN A 465 9.01 -6.68 -8.65
CA ASN A 465 8.85 -8.04 -8.20
C ASN A 465 9.77 -8.31 -7.01
N ILE A 466 9.30 -9.12 -6.08
CA ILE A 466 10.14 -9.55 -4.97
C ILE A 466 11.10 -10.63 -5.47
N LEU A 467 12.18 -10.85 -4.73
CA LEU A 467 13.17 -11.83 -5.12
C LEU A 467 12.74 -13.22 -4.68
N LEU A 468 12.74 -14.15 -5.63
CA LEU A 468 12.41 -15.55 -5.39
C LEU A 468 13.46 -16.42 -6.06
N ASP A 469 13.50 -17.68 -5.65
CA ASP A 469 14.41 -18.65 -6.25
C ASP A 469 13.67 -19.36 -7.40
N LYS A 470 14.22 -20.48 -7.88
CA LYS A 470 13.67 -21.17 -9.04
C LYS A 470 12.28 -21.75 -8.78
N GLU A 471 11.96 -22.11 -7.54
CA GLU A 471 10.65 -22.69 -7.21
C GLU A 471 9.80 -21.74 -6.38
N ASN A 472 9.98 -20.43 -6.61
CA ASN A 472 9.13 -19.33 -6.12
C ASN A 472 9.10 -19.20 -4.61
N ARG A 473 10.02 -19.83 -3.89
CA ARG A 473 10.15 -19.58 -2.46
C ARG A 473 10.80 -18.22 -2.24
N TYR A 474 10.38 -17.53 -1.20
CA TYR A 474 10.99 -16.26 -0.85
C TYR A 474 12.39 -16.50 -0.34
N ARG A 475 13.30 -15.59 -0.68
CA ARG A 475 14.67 -15.73 -0.22
C ARG A 475 15.17 -14.41 0.36
N ILE A 476 15.97 -14.53 1.40
CA ILE A 476 16.88 -13.46 1.82
C ILE A 476 18.22 -13.76 1.17
N PRO A 477 18.67 -12.98 0.20
CA PRO A 477 19.97 -13.24 -0.42
C PRO A 477 21.09 -12.95 0.56
N ARG A 478 22.22 -13.62 0.31
CA ARG A 478 23.40 -13.43 1.15
C ARG A 478 23.93 -12.01 1.05
N SER A 479 23.79 -11.38 -0.13
CA SER A 479 24.33 -10.04 -0.32
C SER A 479 23.53 -9.00 0.47
N ALA A 480 22.20 -9.14 0.50
CA ALA A 480 21.38 -8.18 1.23
C ALA A 480 21.53 -8.35 2.73
N LEU A 481 21.56 -9.59 3.21
CA LEU A 481 21.82 -9.86 4.62
C LEU A 481 23.19 -9.40 5.04
N ARG A 482 24.19 -9.59 4.17
CA ARG A 482 25.54 -9.15 4.45
C ARG A 482 25.66 -7.62 4.46
N GLY A 483 24.97 -6.95 3.55
CA GLY A 483 24.99 -5.49 3.53
C GLY A 483 24.28 -4.89 4.73
N ALA A 484 23.17 -5.51 5.15
CA ALA A 484 22.50 -5.04 6.36
C ALA A 484 23.34 -5.30 7.60
N LEU A 485 24.05 -6.43 7.64
CA LEU A 485 24.97 -6.70 8.74
C LEU A 485 26.15 -5.73 8.73
N ARG A 486 26.62 -5.35 7.54
CA ARG A 486 27.68 -4.34 7.43
C ARG A 486 27.20 -2.99 7.93
N ARG A 487 25.96 -2.61 7.58
CA ARG A 487 25.39 -1.36 8.06
C ARG A 487 25.23 -1.36 9.58
N ASP A 488 24.75 -2.47 10.14
CA ASP A 488 24.56 -2.54 11.59
C ASP A 488 25.89 -2.63 12.33
N LEU A 489 26.91 -3.24 11.72
CA LEU A 489 28.23 -3.25 12.32
C LEU A 489 28.91 -1.90 12.21
N ARG A 490 28.64 -1.15 11.13
CA ARG A 490 29.13 0.23 11.05
C ARG A 490 28.44 1.12 12.07
N THR A 491 27.20 0.79 12.42
CA THR A 491 26.52 1.51 13.48
C THR A 491 27.07 1.13 14.85
N ALA A 492 27.37 -0.16 15.06
CA ALA A 492 27.80 -0.64 16.37
C ALA A 492 29.19 -0.12 16.74
N PHE A 493 30.14 -0.22 15.81
CA PHE A 493 31.39 0.52 15.92
C PHE A 493 31.09 2.01 15.77
N GLY A 494 31.91 2.84 16.40
CA GLY A 494 31.77 4.28 16.19
C GLY A 494 32.14 4.68 14.77
N SER A 495 33.20 4.11 14.23
CA SER A 495 33.67 4.47 12.91
C SER A 495 33.29 3.44 11.87
N GLY A 496 33.59 3.75 10.61
CA GLY A 496 33.41 2.80 9.53
C GLY A 496 33.67 3.49 8.20
N CYS A 497 34.19 2.71 7.26
CA CYS A 497 34.55 3.24 5.96
C CYS A 497 33.42 3.00 4.98
N ASN A 498 33.52 3.64 3.81
CA ASN A 498 32.69 3.28 2.67
C ASN A 498 33.50 2.33 1.80
N VAL A 499 32.87 1.23 1.39
CA VAL A 499 33.58 0.09 0.81
C VAL A 499 34.12 0.41 -0.56
N SER A 500 35.43 0.65 -0.65
CA SER A 500 36.09 0.82 -1.94
C SER A 500 36.16 -0.51 -2.66
N LEU A 501 35.99 -0.47 -3.98
CA LEU A 501 35.85 -1.68 -4.78
C LEU A 501 37.12 -2.08 -5.52
N GLY A 502 38.19 -1.30 -5.43
CA GLY A 502 39.39 -1.62 -6.17
C GLY A 502 40.66 -1.37 -5.41
N GLY A 503 40.59 -1.44 -4.08
CA GLY A 503 41.77 -1.20 -3.27
C GLY A 503 42.73 -2.37 -3.35
N GLN A 504 43.99 -2.08 -3.67
CA GLN A 504 45.01 -3.11 -3.69
C GLN A 504 45.37 -3.56 -2.28
N ILE A 505 45.21 -2.69 -1.30
CA ILE A 505 45.42 -3.02 0.10
C ILE A 505 44.08 -3.26 0.76
N LEU A 506 44.09 -4.08 1.80
CA LEU A 506 42.88 -4.30 2.58
C LEU A 506 42.58 -3.07 3.43
N CYS A 507 41.29 -2.78 3.58
CA CYS A 507 40.88 -1.65 4.40
C CYS A 507 41.07 -1.98 5.88
N ASN A 508 41.60 -1.04 6.63
CA ASN A 508 42.00 -1.27 8.02
C ASN A 508 40.98 -0.77 9.04
N CYS A 509 39.79 -0.34 8.60
CA CYS A 509 38.76 0.02 9.56
C CYS A 509 38.20 -1.24 10.19
N LYS A 510 37.63 -1.08 11.39
CA LYS A 510 37.25 -2.24 12.21
C LYS A 510 36.12 -3.05 11.57
N VAL A 511 35.21 -2.39 10.84
CA VAL A 511 34.08 -3.08 10.25
C VAL A 511 34.53 -4.06 9.16
N CYS A 512 35.48 -3.64 8.32
CA CYS A 512 35.99 -4.53 7.28
C CYS A 512 36.78 -5.71 7.85
N ILE A 513 37.58 -5.46 8.90
CA ILE A 513 38.32 -6.54 9.54
C ILE A 513 37.38 -7.55 10.18
N GLU A 514 36.32 -7.08 10.85
CA GLU A 514 35.39 -8.04 11.46
C GLU A 514 34.55 -8.76 10.41
N MET A 515 34.14 -8.07 9.35
CA MET A 515 33.33 -8.74 8.33
C MET A 515 34.14 -9.63 7.40
N ARG A 516 35.46 -9.50 7.37
CA ARG A 516 36.26 -10.46 6.64
C ARG A 516 36.26 -11.84 7.29
N ARG A 517 36.01 -11.91 8.60
CA ARG A 517 35.86 -13.17 9.29
C ARG A 517 34.43 -13.67 9.31
N ILE A 518 33.47 -12.85 8.88
CA ILE A 518 32.06 -13.19 8.96
C ILE A 518 31.63 -13.81 7.63
N THR A 519 30.98 -14.98 7.73
CA THR A 519 30.36 -15.63 6.59
C THR A 519 28.89 -15.84 6.90
N LEU A 520 28.04 -15.75 5.88
CA LEU A 520 26.60 -15.95 6.06
C LEU A 520 26.12 -17.01 5.07
N LYS A 521 24.81 -17.14 4.96
CA LYS A 521 24.22 -18.08 4.01
C LYS A 521 23.00 -17.43 3.36
N ASP A 522 22.78 -17.78 2.10
CA ASP A 522 21.58 -17.37 1.39
C ASP A 522 20.38 -18.09 1.98
N SER A 523 19.57 -17.36 2.74
CA SER A 523 18.39 -17.95 3.35
C SER A 523 17.27 -18.06 2.33
N VAL A 524 16.57 -19.20 2.37
CA VAL A 524 15.35 -19.39 1.59
C VAL A 524 14.29 -19.93 2.53
N SER A 525 13.03 -19.60 2.23
CA SER A 525 11.94 -20.03 3.08
C SER A 525 11.35 -21.34 2.56
N ASP A 526 10.69 -22.06 3.46
CA ASP A 526 9.96 -23.28 3.10
C ASP A 526 8.55 -22.98 2.59
N PHE A 527 8.25 -21.72 2.32
CA PHE A 527 6.91 -21.25 2.00
C PHE A 527 6.97 -20.53 0.66
N SER A 528 6.07 -20.89 -0.26
CA SER A 528 6.20 -20.48 -1.66
C SER A 528 4.90 -19.98 -2.28
N GLU A 529 3.92 -19.57 -1.46
CA GLU A 529 2.72 -18.96 -1.99
C GLU A 529 3.06 -17.58 -2.58
N PRO A 530 2.27 -17.09 -3.55
CA PRO A 530 2.67 -15.87 -4.28
C PRO A 530 2.66 -14.65 -3.38
N PRO A 531 3.48 -13.64 -3.68
CA PRO A 531 3.54 -12.45 -2.85
C PRO A 531 2.27 -11.62 -2.93
N GLU A 532 1.95 -10.94 -1.82
CA GLU A 532 0.95 -9.89 -1.88
C GLU A 532 1.53 -8.73 -2.67
N ILE A 533 0.67 -7.91 -3.25
CA ILE A 533 1.15 -6.78 -4.04
C ILE A 533 0.66 -5.51 -3.36
N ARG A 534 1.61 -4.68 -2.95
CA ARG A 534 1.29 -3.39 -2.34
C ARG A 534 1.23 -2.34 -3.43
N TYR A 535 0.08 -1.68 -3.54
CA TYR A 535 -0.14 -0.63 -4.52
C TYR A 535 0.03 0.72 -3.83
N ARG A 536 0.70 1.63 -4.51
CA ARG A 536 1.12 2.89 -3.93
C ARG A 536 0.86 4.02 -4.90
N ILE A 537 0.38 5.13 -4.38
CA ILE A 537 0.17 6.34 -5.15
C ILE A 537 0.94 7.48 -4.50
N ALA A 538 1.17 8.51 -5.28
CA ALA A 538 1.57 9.80 -4.74
C ALA A 538 0.38 10.74 -4.83
N LYS A 539 0.02 11.34 -3.72
CA LYS A 539 -1.03 12.34 -3.72
C LYS A 539 -0.49 13.62 -4.33
N ASN A 540 -1.28 14.23 -5.20
CA ASN A 540 -0.99 15.57 -5.66
C ASN A 540 -1.11 16.49 -4.46
N PRO A 541 -0.08 17.29 -4.13
CA PRO A 541 -0.19 18.16 -2.96
C PRO A 541 -1.25 19.25 -3.12
N GLY A 542 -1.46 19.75 -4.33
CA GLY A 542 -2.42 20.84 -4.50
C GLY A 542 -3.86 20.37 -4.49
N THR A 543 -4.17 19.32 -5.23
CA THR A 543 -5.53 18.86 -5.38
C THR A 543 -5.94 17.81 -4.36
N ALA A 544 -4.97 17.24 -3.63
CA ALA A 544 -5.15 16.14 -2.67
C ALA A 544 -5.84 14.93 -3.30
N THR A 545 -5.56 14.70 -4.57
CA THR A 545 -6.03 13.55 -5.34
C THR A 545 -4.83 12.74 -5.79
N VAL A 546 -5.10 11.64 -6.50
CA VAL A 546 -4.04 10.80 -7.02
C VAL A 546 -3.34 11.51 -8.17
N GLU A 547 -2.02 11.59 -8.11
CA GLU A 547 -1.24 12.10 -9.23
C GLU A 547 -1.37 11.13 -10.41
N ASP A 548 -1.58 11.70 -11.60
CA ASP A 548 -1.88 10.89 -12.77
C ASP A 548 -0.64 10.15 -13.24
N GLY A 549 -0.75 8.84 -13.39
CA GLY A 549 0.36 8.00 -13.79
C GLY A 549 1.38 7.72 -12.71
N SER A 550 1.07 8.01 -11.45
CA SER A 550 2.00 7.81 -10.36
C SER A 550 1.71 6.55 -9.55
N LEU A 551 0.80 5.71 -10.01
CA LEU A 551 0.55 4.44 -9.35
C LEU A 551 1.67 3.47 -9.66
N PHE A 552 2.23 2.87 -8.62
CA PHE A 552 3.25 1.84 -8.80
C PHE A 552 3.10 0.81 -7.68
N ASP A 553 3.55 -0.40 -7.94
CA ASP A 553 3.32 -1.47 -6.99
C ASP A 553 4.61 -2.25 -6.75
N ILE A 554 4.70 -2.87 -5.58
CA ILE A 554 5.78 -3.78 -5.24
C ILE A 554 5.18 -5.08 -4.74
N GLU A 555 6.01 -6.11 -4.67
CA GLU A 555 5.59 -7.41 -4.17
C GLU A 555 6.21 -7.65 -2.80
N VAL A 556 5.36 -8.03 -1.84
CA VAL A 556 5.78 -8.27 -0.46
C VAL A 556 5.51 -9.72 -0.11
N GLY A 557 6.47 -10.31 0.61
CA GLY A 557 6.23 -11.53 1.33
C GLY A 557 5.53 -11.20 2.63
N PRO A 558 4.89 -12.19 3.23
CA PRO A 558 4.11 -11.93 4.45
C PRO A 558 4.99 -11.73 5.67
N GLU A 559 4.43 -11.09 6.68
CA GLU A 559 5.10 -11.02 7.96
C GLU A 559 4.89 -12.33 8.72
N GLY A 560 5.81 -12.62 9.63
CA GLY A 560 5.84 -13.90 10.31
C GLY A 560 6.62 -14.97 9.57
N LEU A 561 7.10 -14.68 8.37
CA LEU A 561 7.83 -15.68 7.60
C LEU A 561 9.25 -15.82 8.12
N THR A 562 9.66 -17.05 8.40
CA THR A 562 10.95 -17.36 9.00
C THR A 562 11.93 -17.82 7.95
N PHE A 563 13.18 -17.37 8.09
CA PHE A 563 14.29 -17.72 7.21
C PHE A 563 15.44 -18.23 8.06
N PRO A 564 16.13 -19.29 7.62
CA PRO A 564 17.27 -19.81 8.40
C PRO A 564 18.46 -18.87 8.33
N PHE A 565 18.72 -18.17 9.43
CA PHE A 565 19.85 -17.25 9.52
C PHE A 565 21.08 -18.02 9.96
N VAL A 566 22.16 -17.90 9.18
CA VAL A 566 23.44 -18.53 9.47
C VAL A 566 24.49 -17.43 9.50
N LEU A 567 25.28 -17.39 10.57
CA LEU A 567 26.45 -16.52 10.69
C LEU A 567 27.62 -17.36 11.15
N ARG A 568 28.82 -17.03 10.70
CA ARG A 568 30.03 -17.78 11.05
C ARG A 568 31.18 -16.80 11.18
N TYR A 569 31.63 -16.57 12.40
CA TYR A 569 32.77 -15.70 12.66
C TYR A 569 34.01 -16.55 12.86
N ARG A 570 35.08 -16.20 12.17
CA ARG A 570 36.34 -16.96 12.21
C ARG A 570 37.43 -16.05 12.78
N GLY A 571 37.55 -16.03 14.11
CA GLY A 571 38.48 -15.10 14.71
C GLY A 571 39.04 -15.52 16.05
N HIS A 572 39.96 -14.72 16.59
CA HIS A 572 40.61 -15.07 17.85
C HIS A 572 39.64 -14.92 19.03
N LYS A 573 38.92 -13.82 19.09
CA LYS A 573 37.88 -13.61 20.08
C LYS A 573 36.64 -13.07 19.39
N PHE A 574 35.49 -13.35 19.99
CA PHE A 574 34.24 -12.83 19.45
C PHE A 574 34.13 -11.35 19.77
N PRO A 575 33.92 -10.48 18.78
CA PRO A 575 33.88 -9.04 19.05
C PRO A 575 32.63 -8.64 19.83
N GLU A 576 32.78 -7.58 20.62
CA GLU A 576 31.65 -7.04 21.38
C GLU A 576 30.62 -6.42 20.44
N GLN A 577 31.08 -5.84 19.34
CA GLN A 577 30.19 -5.14 18.42
C GLN A 577 29.30 -6.09 17.62
N LEU A 578 29.84 -7.23 17.18
CA LEU A 578 29.03 -8.18 16.43
C LEU A 578 28.01 -8.86 17.33
N SER A 579 28.39 -9.13 18.58
CA SER A 579 27.42 -9.63 19.56
C SER A 579 26.35 -8.59 19.87
N SER A 580 26.73 -7.31 19.87
CA SER A 580 25.75 -6.24 19.99
C SER A 580 24.80 -6.20 18.80
N VAL A 581 25.31 -6.47 17.60
CA VAL A 581 24.46 -6.51 16.40
C VAL A 581 23.51 -7.72 16.44
N ILE A 582 23.99 -8.86 16.94
CA ILE A 582 23.15 -10.05 17.04
C ILE A 582 22.07 -9.87 18.10
N ARG A 583 22.40 -9.26 19.24
CA ARG A 583 21.37 -8.88 20.21
C ARG A 583 20.46 -7.77 19.69
N TYR A 584 20.96 -6.92 18.80
CA TYR A 584 20.14 -5.88 18.18
C TYR A 584 19.10 -6.48 17.26
N TRP A 585 19.50 -7.49 16.50
CA TRP A 585 18.60 -8.15 15.56
C TRP A 585 17.61 -9.07 16.26
N GLU A 586 17.93 -9.51 17.46
CA GLU A 586 17.11 -10.53 18.11
C GLU A 586 15.92 -9.90 18.83
N GLU A 587 14.84 -10.66 18.89
CA GLU A 587 13.63 -10.23 19.58
C GLU A 587 13.58 -10.88 20.96
N ASN A 588 12.95 -10.16 21.90
CA ASN A 588 12.88 -10.65 23.27
C ASN A 588 11.47 -10.45 23.82
N ASP A 589 11.32 -10.62 25.14
CA ASP A 589 10.03 -10.38 25.79
C ASP A 589 9.67 -8.90 25.76
N GLY A 590 10.65 -8.01 25.84
CA GLY A 590 10.40 -6.59 25.79
C GLY A 590 11.23 -5.85 24.77
N LYS A 591 11.80 -6.59 23.82
CA LYS A 591 12.62 -6.02 22.76
C LYS A 591 12.09 -6.47 21.41
N ASN A 592 12.15 -5.56 20.44
CA ASN A 592 11.76 -5.84 19.07
C ASN A 592 13.00 -6.18 18.25
N GLY A 593 12.88 -7.20 17.40
CA GLY A 593 13.95 -7.51 16.47
C GLY A 593 14.11 -6.42 15.43
N MET A 594 15.36 -6.17 15.05
CA MET A 594 15.67 -4.92 14.37
C MET A 594 16.62 -5.18 13.21
N ALA A 595 16.33 -6.22 12.42
CA ALA A 595 17.13 -6.52 11.23
C ALA A 595 16.40 -5.98 10.02
N TRP A 596 16.81 -4.80 9.56
CA TRP A 596 16.19 -4.14 8.42
C TRP A 596 16.81 -4.72 7.16
N LEU A 597 16.30 -5.87 6.71
CA LEU A 597 16.82 -6.54 5.53
C LEU A 597 15.89 -6.30 4.35
N GLY A 598 16.46 -5.80 3.26
CA GLY A 598 15.68 -5.62 2.05
C GLY A 598 15.52 -4.19 1.63
N GLY A 599 14.36 -3.88 1.02
CA GLY A 599 14.11 -2.58 0.46
C GLY A 599 12.86 -1.94 1.03
N LEU A 600 12.75 -0.63 0.79
CA LEU A 600 11.65 0.22 1.26
C LEU A 600 11.47 0.13 2.77
N ASP A 601 12.58 0.28 3.49
CA ASP A 601 12.55 0.29 4.94
C ASP A 601 11.82 1.52 5.48
N SER A 602 11.76 2.59 4.68
CA SER A 602 11.01 3.79 5.06
C SER A 602 9.52 3.51 5.19
N THR A 603 8.99 2.64 4.34
CA THR A 603 7.64 2.11 4.48
C THR A 603 7.61 0.85 5.33
N GLY A 604 8.64 0.63 6.14
CA GLY A 604 8.70 -0.50 7.06
C GLY A 604 8.66 -1.85 6.39
N LYS A 605 9.32 -2.00 5.25
CA LYS A 605 9.32 -3.27 4.53
C LYS A 605 10.63 -3.99 4.82
N GLY A 606 10.55 -5.07 5.59
CA GLY A 606 11.69 -5.91 5.84
C GLY A 606 12.38 -5.73 7.17
N ARG A 607 11.65 -5.36 8.21
CA ARG A 607 12.21 -5.40 9.56
C ARG A 607 12.10 -6.84 10.04
N PHE A 608 13.25 -7.49 10.20
CA PHE A 608 13.28 -8.89 10.60
C PHE A 608 13.69 -9.00 12.06
N ALA A 609 13.13 -10.00 12.73
CA ALA A 609 13.47 -10.33 14.10
C ALA A 609 14.25 -11.64 14.08
N LEU A 610 15.44 -11.63 14.67
CA LEU A 610 16.17 -12.86 14.86
C LEU A 610 15.59 -13.60 16.06
N LYS A 611 15.41 -14.91 15.92
CA LYS A 611 14.79 -15.68 16.99
C LYS A 611 15.37 -17.08 16.96
N ASP A 612 15.15 -17.82 18.06
CA ASP A 612 15.63 -19.19 18.27
C ASP A 612 17.15 -19.27 18.11
N ILE A 613 17.85 -18.26 18.59
CA ILE A 613 19.26 -18.08 18.30
C ILE A 613 20.07 -19.05 19.16
N LYS A 614 20.89 -19.86 18.51
CA LYS A 614 21.83 -20.74 19.17
C LYS A 614 23.21 -20.50 18.58
N ILE A 615 24.19 -20.27 19.45
CA ILE A 615 25.56 -20.06 19.05
C ILE A 615 26.36 -21.23 19.56
N PHE A 616 27.16 -21.82 18.68
CA PHE A 616 28.13 -22.84 19.06
C PHE A 616 29.49 -22.40 18.52
N GLU A 617 30.52 -23.11 18.95
CA GLU A 617 31.88 -22.77 18.55
C GLU A 617 32.68 -24.02 18.29
N TRP A 618 33.53 -23.93 17.28
CA TRP A 618 34.62 -24.86 17.04
C TRP A 618 35.90 -24.21 17.55
N ASP A 619 36.58 -24.88 18.48
CA ASP A 619 37.86 -24.41 18.98
C ASP A 619 38.92 -24.93 18.00
N LEU A 620 39.28 -24.09 17.03
CA LEU A 620 40.04 -24.54 15.86
C LEU A 620 41.52 -24.77 16.13
N ASN A 621 42.03 -24.40 17.31
CA ASN A 621 43.45 -24.63 17.57
C ASN A 621 43.73 -26.09 17.90
N GLN A 622 42.82 -26.76 18.61
CA GLN A 622 43.02 -28.15 18.99
C GLN A 622 41.99 -29.10 18.43
N LYS A 623 40.87 -28.62 17.91
CA LYS A 623 39.77 -29.49 17.51
C LYS A 623 39.48 -29.30 16.02
N ILE A 624 40.55 -29.30 15.21
CA ILE A 624 40.48 -28.85 13.82
C ILE A 624 40.20 -30.00 12.85
N ASN A 625 40.64 -31.23 13.17
CA ASN A 625 40.48 -32.36 12.25
C ASN A 625 39.02 -32.75 12.11
N GLU A 626 38.24 -32.58 13.16
CA GLU A 626 36.80 -32.79 13.12
C GLU A 626 36.01 -31.54 12.76
N TYR A 627 36.68 -30.39 12.61
CA TYR A 627 36.11 -29.32 11.77
C TYR A 627 36.23 -29.68 10.30
N ILE A 628 37.35 -30.28 9.92
CA ILE A 628 37.55 -30.69 8.53
C ILE A 628 36.64 -31.87 8.17
N LYS A 629 36.50 -32.83 9.10
CA LYS A 629 35.68 -34.01 8.86
C LYS A 629 34.20 -33.65 8.74
N GLU A 630 33.71 -32.77 9.60
CA GLU A 630 32.32 -32.33 9.51
C GLU A 630 32.12 -31.22 8.50
N ARG A 631 33.21 -30.69 7.92
CA ARG A 631 33.21 -29.59 6.95
C ARG A 631 32.52 -28.34 7.50
N GLY A 632 32.68 -28.10 8.80
CA GLY A 632 32.18 -26.89 9.42
C GLY A 632 30.68 -26.78 9.52
N MET A 633 29.95 -27.90 9.36
CA MET A 633 28.48 -27.94 9.29
C MET A 633 27.95 -26.99 8.22
N ARG A 634 28.60 -26.98 7.06
CA ARG A 634 28.32 -26.00 6.02
C ARG A 634 27.10 -26.32 5.17
N GLY A 635 26.62 -27.55 5.21
CA GLY A 635 25.42 -27.89 4.45
C GLY A 635 24.27 -28.30 5.34
N LYS A 636 24.52 -28.37 6.64
CA LYS A 636 23.53 -28.84 7.60
C LYS A 636 23.45 -27.92 8.81
N GLU A 637 23.33 -26.62 8.56
CA GLU A 637 22.92 -25.70 9.62
C GLU A 637 21.44 -25.88 9.94
N LYS A 638 20.64 -26.33 8.96
CA LYS A 638 19.25 -26.66 9.21
C LYS A 638 19.14 -27.84 10.16
N GLU A 639 20.03 -28.82 10.03
CA GLU A 639 20.12 -29.89 11.01
C GLU A 639 20.63 -29.35 12.35
N LEU A 640 21.56 -28.38 12.30
CA LEU A 640 22.20 -27.86 13.51
C LEU A 640 21.25 -27.07 14.38
N LEU A 641 20.29 -26.36 13.79
CA LEU A 641 19.38 -25.52 14.58
C LEU A 641 18.35 -26.36 15.33
N GLU A 642 17.82 -27.41 14.70
CA GLU A 642 16.80 -28.23 15.35
C GLU A 642 17.40 -29.15 16.41
N MET A 643 18.49 -29.83 16.09
CA MET A 643 19.07 -30.83 16.99
C MET A 643 19.79 -30.17 18.16
N GLY A 644 19.86 -30.91 19.26
CA GLY A 644 20.35 -30.40 20.53
C GLY A 644 21.77 -30.77 20.84
N GLU A 645 22.12 -30.70 22.13
CA GLU A 645 23.50 -30.86 22.57
C GLU A 645 23.99 -32.30 22.49
N SER A 646 23.09 -33.27 22.57
CA SER A 646 23.51 -34.67 22.62
C SER A 646 23.99 -35.16 21.27
N SER A 647 23.38 -34.69 20.18
CA SER A 647 23.75 -35.11 18.83
C SER A 647 24.72 -34.15 18.16
N LEU A 648 25.26 -33.19 18.90
CA LEU A 648 26.18 -32.19 18.34
C LEU A 648 27.49 -32.86 17.94
N PRO A 649 28.13 -32.41 16.86
CA PRO A 649 29.37 -33.05 16.42
C PRO A 649 30.53 -32.75 17.36
N ASP A 650 31.54 -33.61 17.29
CA ASP A 650 32.74 -33.43 18.11
C ASP A 650 33.51 -32.21 17.64
N GLY A 651 33.95 -31.39 18.60
CA GLY A 651 34.59 -30.14 18.33
C GLY A 651 33.66 -28.95 18.32
N LEU A 652 32.37 -29.19 18.16
CA LEU A 652 31.38 -28.14 18.13
C LEU A 652 30.65 -28.13 19.47
N ILE A 653 31.00 -27.19 20.35
CA ILE A 653 30.38 -27.13 21.66
C ILE A 653 29.54 -25.86 21.73
N PRO A 654 28.35 -25.82 22.37
CA PRO A 654 27.55 -24.61 22.40
C PRO A 654 28.28 -23.48 23.07
N TYR A 655 28.01 -22.25 22.70
CA TYR A 655 28.66 -21.05 23.20
C TYR A 655 27.94 -20.54 24.44
N LYS A 656 28.67 -20.49 25.55
CA LYS A 656 28.07 -20.18 26.84
C LYS A 656 28.11 -18.68 27.15
N PHE A 657 29.28 -18.06 27.03
CA PHE A 657 29.38 -16.64 27.36
C PHE A 657 29.14 -15.75 26.15
N PHE A 658 28.02 -15.95 25.46
CA PHE A 658 27.51 -14.95 24.54
C PHE A 658 26.84 -13.88 25.39
N GLU A 659 27.43 -12.69 25.42
CA GLU A 659 27.05 -11.70 26.42
C GLU A 659 25.72 -11.06 26.07
N GLU A 660 24.84 -10.96 27.07
CA GLU A 660 23.51 -10.41 26.87
C GLU A 660 23.57 -8.91 26.63
N ARG A 661 22.45 -8.35 26.18
CA ARG A 661 22.43 -6.97 25.71
C ARG A 661 22.46 -5.96 26.85
N GLU A 662 22.29 -6.41 28.09
CA GLU A 662 22.24 -5.49 29.23
C GLU A 662 23.60 -4.91 29.55
N CYS A 663 24.67 -5.59 29.16
CA CYS A 663 26.03 -5.10 29.38
C CYS A 663 26.86 -5.05 28.11
N LEU A 664 26.24 -5.08 26.94
CA LEU A 664 26.94 -4.84 25.68
C LEU A 664 26.93 -3.35 25.39
N PHE A 665 28.10 -2.71 25.52
CA PHE A 665 28.25 -1.28 25.31
C PHE A 665 27.92 -0.80 23.90
N PRO A 666 28.35 -1.43 22.78
CA PRO A 666 27.94 -0.91 21.47
C PRO A 666 26.47 -1.18 21.13
N TYR A 667 25.77 -2.02 21.89
CA TYR A 667 24.32 -2.08 21.75
C TYR A 667 23.66 -0.91 22.45
N LYS A 668 24.00 -0.70 23.73
CA LYS A 668 23.31 0.28 24.55
C LYS A 668 23.63 1.71 24.15
N GLU A 669 24.82 1.95 23.60
CA GLU A 669 25.24 3.29 23.24
C GLU A 669 25.01 3.62 21.77
N ASN A 670 25.18 2.65 20.89
CA ASN A 670 25.15 2.90 19.45
C ASN A 670 23.99 2.25 18.72
N LEU A 671 23.46 1.13 19.20
CA LEU A 671 22.42 0.40 18.49
C LEU A 671 21.04 0.60 19.10
N LYS A 672 20.90 0.46 20.42
CA LYS A 672 19.60 0.65 21.07
C LYS A 672 19.00 2.05 20.91
N PRO A 673 19.71 3.17 21.07
CA PRO A 673 19.08 4.46 20.79
C PRO A 673 19.08 4.87 19.32
N GLN A 674 19.50 3.99 18.40
CA GLN A 674 19.62 4.37 17.00
C GLN A 674 18.25 4.55 16.36
N TRP A 675 17.33 3.61 16.57
CA TRP A 675 15.96 3.74 16.12
C TRP A 675 15.04 3.65 17.32
N SER A 676 14.50 4.80 17.72
CA SER A 676 13.61 4.90 18.87
C SER A 676 12.20 4.54 18.43
N GLU A 677 11.53 3.73 19.25
CA GLU A 677 10.17 3.29 18.93
C GLU A 677 9.14 4.30 19.42
N VAL A 678 8.16 4.61 18.57
CA VAL A 678 6.95 5.28 18.99
C VAL A 678 5.80 4.41 18.53
N GLN A 679 5.25 3.61 19.43
CA GLN A 679 4.09 2.78 19.17
C GLN A 679 2.85 3.43 19.78
N TYR A 680 1.75 3.39 19.05
CA TYR A 680 0.54 4.09 19.47
C TYR A 680 -0.66 3.41 18.84
N THR A 681 -1.83 3.76 19.36
CA THR A 681 -3.10 3.21 18.89
C THR A 681 -3.99 4.35 18.45
N ILE A 682 -4.57 4.23 17.26
CA ILE A 682 -5.50 5.20 16.73
C ILE A 682 -6.91 4.71 16.98
N GLU A 683 -7.69 5.48 17.73
CA GLU A 683 -9.13 5.28 17.85
C GLU A 683 -9.81 5.99 16.69
N VAL A 684 -10.44 5.21 15.82
CA VAL A 684 -11.18 5.72 14.67
C VAL A 684 -12.67 5.56 14.99
N GLY A 685 -13.37 6.69 15.09
CA GLY A 685 -14.77 6.71 15.43
C GLY A 685 -15.67 6.84 14.22
N SER A 686 -15.16 6.43 13.06
CA SER A 686 -15.84 6.51 11.79
C SER A 686 -15.59 5.19 11.06
N PRO A 687 -16.38 4.87 10.03
CA PRO A 687 -16.01 3.75 9.16
C PRO A 687 -14.67 4.00 8.49
N LEU A 688 -13.90 2.94 8.28
CA LEU A 688 -12.55 3.07 7.75
C LEU A 688 -12.45 2.33 6.43
N LEU A 689 -12.23 3.06 5.35
CA LEU A 689 -12.11 2.48 4.01
C LEU A 689 -10.75 2.88 3.45
N THR A 690 -9.74 2.05 3.70
CA THR A 690 -8.49 2.10 2.96
C THR A 690 -8.68 1.14 1.79
N ALA A 691 -8.93 1.71 0.61
CA ALA A 691 -9.47 0.93 -0.49
C ALA A 691 -8.40 0.03 -1.12
N ASP A 692 -8.71 -1.25 -1.21
CA ASP A 692 -7.93 -2.21 -1.99
C ASP A 692 -8.62 -2.32 -3.34
N THR A 693 -8.13 -1.53 -4.31
CA THR A 693 -8.83 -1.40 -5.59
C THR A 693 -8.71 -2.65 -6.44
N ILE A 694 -7.54 -3.30 -6.41
CA ILE A 694 -7.34 -4.52 -7.17
C ILE A 694 -8.13 -5.68 -6.55
N SER A 695 -8.18 -5.73 -5.22
CA SER A 695 -8.93 -6.77 -4.52
C SER A 695 -10.44 -6.64 -4.73
N ALA A 696 -10.92 -5.47 -5.15
CA ALA A 696 -12.31 -5.33 -5.56
C ALA A 696 -12.56 -5.92 -6.94
N LEU A 697 -11.50 -6.21 -7.70
CA LEU A 697 -11.64 -6.77 -9.04
C LEU A 697 -11.36 -8.27 -9.10
N THR A 698 -10.81 -8.86 -8.04
CA THR A 698 -10.49 -10.28 -8.02
C THR A 698 -11.36 -11.08 -7.07
N GLU A 699 -11.64 -10.55 -5.88
CA GLU A 699 -12.49 -11.25 -4.93
C GLU A 699 -13.94 -11.21 -5.40
N PRO A 700 -14.72 -12.26 -5.14
CA PRO A 700 -16.14 -12.23 -5.53
C PRO A 700 -16.94 -11.26 -4.68
N GLY A 701 -17.99 -10.71 -5.28
CA GLY A 701 -18.75 -9.64 -4.66
C GLY A 701 -18.79 -8.42 -5.55
N ASN A 702 -19.88 -7.66 -5.50
CA ASN A 702 -20.08 -6.53 -6.38
C ASN A 702 -19.70 -5.21 -5.73
N ARG A 703 -18.79 -5.24 -4.76
CA ARG A 703 -18.38 -4.04 -4.03
C ARG A 703 -17.26 -3.34 -4.79
N ASP A 704 -17.46 -2.06 -5.09
CA ASP A 704 -16.44 -1.29 -5.79
C ASP A 704 -15.27 -0.93 -4.89
N ALA A 705 -15.51 -0.77 -3.59
CA ALA A 705 -14.47 -0.38 -2.65
C ALA A 705 -14.56 -1.25 -1.41
N ILE A 706 -13.51 -2.03 -1.15
CA ILE A 706 -13.40 -2.83 0.06
C ILE A 706 -12.15 -2.39 0.81
N ALA A 707 -12.12 -2.69 2.10
CA ALA A 707 -11.01 -2.29 2.95
C ALA A 707 -9.78 -3.14 2.64
N TYR A 708 -8.61 -2.55 2.87
CA TYR A 708 -7.35 -3.25 2.64
C TYR A 708 -7.14 -4.31 3.70
N LYS A 709 -6.77 -5.51 3.26
CA LYS A 709 -6.36 -6.58 4.14
C LYS A 709 -5.10 -7.22 3.56
N LYS A 710 -4.29 -7.79 4.44
CA LYS A 710 -3.01 -8.35 4.03
C LYS A 710 -2.84 -9.76 4.60
N ARG A 711 -2.06 -10.56 3.88
CA ARG A 711 -1.80 -11.93 4.28
C ARG A 711 -0.63 -11.96 5.25
N VAL A 712 -0.82 -12.62 6.39
CA VAL A 712 0.19 -12.72 7.43
C VAL A 712 0.53 -14.19 7.62
N TYR A 713 1.81 -14.53 7.50
CA TYR A 713 2.26 -15.88 7.75
C TYR A 713 2.27 -16.16 9.25
N ASN A 714 1.83 -17.37 9.62
CA ASN A 714 1.89 -17.84 10.99
C ASN A 714 2.97 -18.90 11.08
N ASP A 715 4.03 -18.60 11.84
CA ASP A 715 5.13 -19.55 11.97
C ASP A 715 4.73 -20.78 12.78
N GLY A 716 3.84 -20.61 13.76
CA GLY A 716 3.36 -21.77 14.51
C GLY A 716 2.50 -22.70 13.68
N ASN A 717 1.63 -22.13 12.86
CA ASN A 717 0.78 -22.92 11.98
C ASN A 717 1.46 -23.30 10.68
N ASN A 718 2.64 -22.72 10.40
CA ASN A 718 3.44 -22.98 9.20
C ASN A 718 2.68 -22.67 7.91
N ALA A 719 1.80 -21.68 7.95
CA ALA A 719 0.97 -21.34 6.80
C ALA A 719 0.47 -19.91 6.95
N ILE A 720 -0.11 -19.40 5.87
CA ILE A 720 -0.83 -18.13 5.90
C ILE A 720 -2.06 -18.30 6.77
N GLU A 721 -2.30 -17.34 7.66
CA GLU A 721 -3.48 -17.37 8.51
C GLU A 721 -4.75 -17.27 7.67
N PRO A 722 -5.79 -18.03 8.00
CA PRO A 722 -6.98 -18.07 7.14
C PRO A 722 -7.76 -16.77 7.12
N GLU A 723 -7.70 -15.96 8.17
CA GLU A 723 -8.32 -14.64 8.14
C GLU A 723 -7.28 -13.59 7.81
N PRO A 724 -7.49 -12.77 6.78
CA PRO A 724 -6.55 -11.68 6.52
C PRO A 724 -6.75 -10.55 7.52
N ARG A 725 -5.63 -9.95 7.93
CA ARG A 725 -5.65 -8.90 8.93
C ARG A 725 -5.89 -7.56 8.24
N PHE A 726 -6.96 -6.88 8.63
CA PHE A 726 -7.23 -5.55 8.11
C PHE A 726 -6.26 -4.55 8.71
N ALA A 727 -5.73 -3.67 7.87
CA ALA A 727 -4.78 -2.67 8.32
C ALA A 727 -4.82 -1.49 7.37
N VAL A 728 -4.46 -0.33 7.91
CA VAL A 728 -4.09 0.82 7.09
C VAL A 728 -2.63 0.64 6.75
N LYS A 729 -2.29 0.78 5.47
CA LYS A 729 -0.96 0.45 4.96
C LYS A 729 0.10 1.34 5.57
N SER A 730 1.31 0.78 5.71
CA SER A 730 2.45 1.54 6.20
C SER A 730 2.83 2.66 5.26
N GLU A 731 2.55 2.50 3.98
CA GLU A 731 2.72 3.60 3.04
C GLU A 731 1.65 4.66 3.22
N THR A 732 0.42 4.26 3.55
CA THR A 732 -0.63 5.23 3.86
C THR A 732 -0.33 5.96 5.17
N HIS A 733 0.12 5.23 6.18
CA HIS A 733 0.56 5.82 7.45
C HIS A 733 1.71 6.79 7.23
N ARG A 734 2.69 6.38 6.42
CA ARG A 734 3.84 7.21 6.10
C ARG A 734 3.44 8.46 5.34
N GLY A 735 2.54 8.33 4.37
CA GLY A 735 2.07 9.48 3.62
C GLY A 735 1.22 10.43 4.41
N ILE A 736 0.40 9.91 5.33
CA ILE A 736 -0.38 10.77 6.23
C ILE A 736 0.53 11.58 7.13
N PHE A 737 1.55 10.93 7.70
CA PHE A 737 2.54 11.66 8.49
C PHE A 737 3.36 12.62 7.64
N ARG A 738 3.63 12.26 6.40
CA ARG A 738 4.44 13.10 5.51
C ARG A 738 3.70 14.37 5.12
N THR A 739 2.42 14.26 4.78
CA THR A 739 1.66 15.47 4.49
C THR A 739 1.36 16.26 5.77
N ALA A 740 1.23 15.58 6.92
CA ALA A 740 1.03 16.28 8.18
C ALA A 740 2.24 17.12 8.56
N VAL A 741 3.44 16.59 8.31
CA VAL A 741 4.66 17.38 8.54
C VAL A 741 4.80 18.47 7.48
N GLY A 742 4.58 18.13 6.20
CA GLY A 742 4.87 19.05 5.12
C GLY A 742 3.89 20.19 4.99
N ARG A 743 2.68 20.04 5.54
CA ARG A 743 1.72 21.13 5.52
C ARG A 743 2.05 22.20 6.55
N ARG A 744 2.54 21.80 7.72
CA ARG A 744 2.83 22.75 8.78
C ARG A 744 4.09 23.57 8.49
N THR A 745 4.99 23.06 7.66
CA THR A 745 6.20 23.79 7.30
C THR A 745 6.21 24.29 5.86
N GLY A 746 5.18 23.99 5.08
CA GLY A 746 5.13 24.44 3.70
C GLY A 746 6.04 23.71 2.76
N ASP A 747 6.66 22.61 3.19
CA ASP A 747 7.56 21.84 2.34
C ASP A 747 6.82 21.01 1.32
N LEU A 748 5.53 20.75 1.53
CA LEU A 748 4.72 20.04 0.56
C LEU A 748 4.46 20.86 -0.70
N GLY A 749 4.50 22.19 -0.59
CA GLY A 749 4.30 23.07 -1.72
C GLY A 749 5.49 23.29 -2.61
N LYS A 750 6.62 22.64 -2.31
CA LYS A 750 7.78 22.73 -3.18
C LYS A 750 7.54 21.98 -4.49
N GLU A 751 7.99 22.57 -5.59
CA GLU A 751 7.70 21.98 -6.90
C GLU A 751 8.55 20.75 -7.18
N ASP A 752 9.75 20.68 -6.58
CA ASP A 752 10.63 19.54 -6.72
C ASP A 752 11.33 19.30 -5.39
N HIS A 753 11.78 18.05 -5.20
CA HIS A 753 12.58 17.70 -4.02
C HIS A 753 13.82 16.95 -4.52
N GLU A 754 14.82 17.72 -4.95
CA GLU A 754 16.09 17.19 -5.42
C GLU A 754 17.20 17.94 -4.69
N ASP A 755 18.03 17.20 -3.94
CA ASP A 755 19.08 17.74 -3.07
C ASP A 755 18.52 18.77 -2.09
N CYS A 756 17.36 18.43 -1.52
CA CYS A 756 16.61 19.35 -0.68
C CYS A 756 16.96 19.13 0.78
N THR A 757 17.25 20.22 1.49
CA THR A 757 17.49 20.17 2.93
C THR A 757 16.29 20.78 3.65
N CYS A 758 15.09 20.46 3.18
CA CYS A 758 13.87 20.87 3.86
C CYS A 758 13.57 19.89 4.99
N ASP A 759 12.68 20.32 5.89
CA ASP A 759 12.34 19.52 7.06
C ASP A 759 11.66 18.21 6.69
N MET A 760 10.74 18.26 5.72
CA MET A 760 10.10 17.05 5.23
C MET A 760 11.09 16.16 4.49
N CYS A 761 12.02 16.76 3.76
CA CYS A 761 13.04 15.98 3.05
C CYS A 761 14.11 15.43 3.99
N ILE A 762 14.37 16.08 5.12
CA ILE A 762 15.29 15.52 6.10
C ILE A 762 14.63 14.37 6.85
N ILE A 763 13.42 14.59 7.34
CA ILE A 763 12.75 13.56 8.14
C ILE A 763 12.34 12.37 7.29
N PHE A 764 11.69 12.62 6.15
CA PHE A 764 11.09 11.58 5.34
C PHE A 764 11.90 11.19 4.12
N GLY A 765 13.08 11.78 3.92
CA GLY A 765 13.92 11.38 2.82
C GLY A 765 13.46 11.93 1.48
N ASN A 766 14.29 11.69 0.48
CA ASN A 766 14.02 12.14 -0.87
C ASN A 766 14.62 11.13 -1.85
N GLU A 767 14.78 11.54 -3.10
CA GLU A 767 15.34 10.63 -4.11
C GLU A 767 16.85 10.45 -3.97
N HIS A 768 17.52 11.19 -3.09
CA HIS A 768 18.95 11.05 -2.89
C HIS A 768 19.34 10.56 -1.51
N GLU A 769 18.52 10.81 -0.49
CA GLU A 769 18.82 10.42 0.88
C GLU A 769 17.64 9.64 1.43
N SER A 770 17.93 8.55 2.14
CA SER A 770 16.87 7.71 2.70
C SER A 770 16.18 8.41 3.86
N SER A 771 15.00 7.91 4.20
CA SER A 771 14.20 8.50 5.26
C SER A 771 14.81 8.23 6.63
N LYS A 772 14.74 9.23 7.49
CA LYS A 772 15.16 9.08 8.88
C LYS A 772 14.01 8.72 9.79
N ILE A 773 12.87 8.33 9.22
CA ILE A 773 11.72 7.83 9.97
C ILE A 773 11.14 6.64 9.18
N ARG A 774 10.74 5.60 9.91
CA ARG A 774 10.26 4.37 9.27
C ARG A 774 8.90 4.01 9.84
N PHE A 775 7.94 3.70 8.96
CA PHE A 775 6.56 3.51 9.35
C PHE A 775 6.11 2.08 9.12
N GLU A 776 5.40 1.53 10.10
CA GLU A 776 4.83 0.20 9.99
C GLU A 776 3.33 0.30 9.84
N ASP A 777 2.70 -0.84 9.58
CA ASP A 777 1.28 -0.89 9.28
C ASP A 777 0.44 -0.52 10.50
N LEU A 778 -0.63 0.23 10.27
CA LEU A 778 -1.62 0.52 11.30
C LEU A 778 -2.56 -0.69 11.38
N GLU A 779 -2.08 -1.73 12.05
CA GLU A 779 -2.83 -2.97 12.15
C GLU A 779 -4.03 -2.81 13.08
N LEU A 780 -5.18 -3.28 12.62
CA LEU A 780 -6.40 -3.20 13.40
C LEU A 780 -6.39 -4.32 14.45
N ILE A 781 -6.39 -3.94 15.72
CA ILE A 781 -6.42 -4.91 16.81
C ILE A 781 -7.80 -5.09 17.40
N ASN A 782 -8.79 -4.31 16.96
CA ASN A 782 -10.14 -4.34 17.49
C ASN A 782 -11.07 -5.25 16.72
N GLY A 783 -10.58 -5.93 15.67
CA GLY A 783 -11.45 -6.60 14.71
C GLY A 783 -12.23 -7.78 15.26
N ASN A 784 -11.76 -8.39 16.34
CA ASN A 784 -12.51 -9.47 16.96
C ASN A 784 -13.71 -8.96 17.75
N GLU A 785 -13.70 -7.69 18.15
CA GLU A 785 -14.75 -7.14 18.97
C GLU A 785 -16.02 -6.87 18.18
N PHE A 786 -15.90 -6.48 16.92
CA PHE A 786 -17.06 -6.18 16.09
C PHE A 786 -17.76 -7.46 15.63
N GLU A 787 -19.10 -7.45 15.71
CA GLU A 787 -19.87 -8.62 15.28
C GLU A 787 -19.82 -8.78 13.77
N LYS A 788 -20.07 -7.71 13.03
CA LYS A 788 -19.85 -7.65 11.59
C LYS A 788 -18.82 -6.57 11.35
N LEU A 789 -17.59 -6.98 11.03
CA LEU A 789 -16.49 -6.03 11.01
C LEU A 789 -16.54 -5.12 9.78
N GLU A 790 -16.96 -5.64 8.63
CA GLU A 790 -17.02 -4.86 7.41
C GLU A 790 -18.47 -4.44 7.19
N LYS A 791 -18.74 -3.15 7.39
CA LYS A 791 -20.05 -2.59 7.14
C LYS A 791 -20.22 -2.30 5.65
N HIS A 792 -21.39 -2.60 5.11
CA HIS A 792 -21.72 -2.27 3.73
C HIS A 792 -22.46 -0.94 3.71
N ILE A 793 -21.89 0.05 3.02
CA ILE A 793 -22.53 1.36 2.88
C ILE A 793 -22.62 1.68 1.40
N ASP A 794 -23.85 1.81 0.90
CA ASP A 794 -24.09 2.09 -0.51
C ASP A 794 -24.51 3.55 -0.69
N HIS A 795 -23.70 4.29 -1.44
CA HIS A 795 -23.97 5.68 -1.79
C HIS A 795 -24.48 5.77 -3.20
N VAL A 796 -25.24 6.84 -3.47
CA VAL A 796 -25.70 7.13 -4.81
C VAL A 796 -25.56 8.62 -5.05
N ALA A 797 -25.49 9.01 -6.32
CA ALA A 797 -25.38 10.41 -6.70
C ALA A 797 -26.77 10.92 -7.09
N ILE A 798 -27.19 12.01 -6.45
CA ILE A 798 -28.51 12.58 -6.67
C ILE A 798 -28.41 13.65 -7.74
N ASP A 799 -29.27 13.56 -8.75
CA ASP A 799 -29.38 14.60 -9.74
C ASP A 799 -29.89 15.89 -9.09
N ARG A 800 -29.49 17.03 -9.66
CA ARG A 800 -29.84 18.30 -9.07
C ARG A 800 -31.19 18.81 -9.53
N PHE A 801 -31.59 18.52 -10.77
CA PHE A 801 -32.88 19.00 -11.27
C PHE A 801 -33.98 17.96 -11.07
N THR A 802 -33.70 16.68 -11.28
CA THR A 802 -34.62 15.63 -10.83
C THR A 802 -34.21 15.24 -9.42
N GLY A 803 -35.20 15.13 -8.53
CA GLY A 803 -34.89 14.83 -7.15
C GLY A 803 -34.42 13.42 -6.90
N GLY A 804 -34.63 12.52 -7.86
CA GLY A 804 -34.13 11.17 -7.75
C GLY A 804 -32.67 11.08 -8.13
N ALA A 805 -32.19 9.84 -8.14
CA ALA A 805 -30.78 9.57 -8.40
C ALA A 805 -30.59 9.00 -9.80
N LEU A 806 -29.35 8.60 -10.09
CA LEU A 806 -29.01 7.89 -11.30
C LEU A 806 -28.52 6.50 -10.91
N ASP A 807 -29.05 5.47 -11.57
CA ASP A 807 -28.73 4.10 -11.20
C ASP A 807 -27.31 3.72 -11.62
N LYS A 808 -26.78 4.34 -12.67
CA LYS A 808 -25.42 4.05 -13.09
C LYS A 808 -24.38 4.68 -12.18
N ALA A 809 -24.76 5.68 -11.40
CA ALA A 809 -23.86 6.39 -10.50
C ALA A 809 -23.87 5.83 -9.09
N LYS A 810 -24.62 4.75 -8.85
CA LYS A 810 -24.60 4.10 -7.55
C LYS A 810 -23.28 3.38 -7.34
N PHE A 811 -22.74 3.50 -6.14
CA PHE A 811 -21.51 2.80 -5.78
C PHE A 811 -21.57 2.41 -4.32
N ASP A 812 -21.18 1.16 -4.02
CA ASP A 812 -21.23 0.65 -2.66
C ASP A 812 -19.81 0.44 -2.17
N THR A 813 -19.49 1.05 -1.04
CA THR A 813 -18.22 0.85 -0.36
C THR A 813 -18.41 -0.16 0.77
N TYR A 814 -17.31 -0.80 1.14
CA TYR A 814 -17.29 -1.82 2.19
C TYR A 814 -16.22 -1.49 3.23
N PRO A 815 -16.40 -0.41 4.02
CA PRO A 815 -15.40 -0.08 5.02
C PRO A 815 -15.52 -0.95 6.26
N LEU A 816 -14.54 -0.80 7.14
CA LEU A 816 -14.61 -1.42 8.46
C LEU A 816 -15.66 -0.72 9.30
N ALA A 817 -16.42 -1.49 10.06
CA ALA A 817 -17.53 -0.92 10.82
C ALA A 817 -17.04 -0.18 12.05
N GLY A 818 -16.67 1.08 11.90
CA GLY A 818 -16.22 1.90 13.01
C GLY A 818 -17.22 3.01 13.29
N SER A 819 -17.25 3.45 14.54
CA SER A 819 -18.30 4.32 15.05
C SER A 819 -17.82 4.93 16.35
N PRO A 820 -18.48 6.02 16.87
CA PRO A 820 -17.95 6.67 18.09
C PRO A 820 -17.87 5.83 19.36
N LYS A 821 -18.97 5.21 19.81
CA LYS A 821 -18.85 4.45 21.05
C LYS A 821 -18.26 3.06 20.84
N LYS A 822 -18.08 2.62 19.60
CA LYS A 822 -17.39 1.36 19.29
C LYS A 822 -16.33 1.65 18.24
N PRO A 823 -15.20 2.24 18.63
CA PRO A 823 -14.19 2.66 17.66
C PRO A 823 -13.27 1.53 17.24
N LEU A 824 -12.63 1.73 16.09
CA LEU A 824 -11.60 0.82 15.62
C LEU A 824 -10.28 1.22 16.25
N LYS A 825 -9.60 0.26 16.87
CA LYS A 825 -8.27 0.48 17.42
C LYS A 825 -7.24 0.01 16.41
N LEU A 826 -6.37 0.92 15.99
CA LEU A 826 -5.36 0.64 14.97
C LEU A 826 -3.99 0.76 15.63
N LYS A 827 -3.30 -0.37 15.77
CA LYS A 827 -1.99 -0.38 16.42
C LYS A 827 -0.93 -0.09 15.38
N GLY A 828 -0.36 1.12 15.42
CA GLY A 828 0.69 1.49 14.51
C GLY A 828 1.94 1.87 15.29
N ARG A 829 3.04 2.03 14.55
CA ARG A 829 4.31 2.37 15.15
C ARG A 829 5.19 3.03 14.09
N PHE A 830 6.09 3.89 14.56
CA PHE A 830 7.13 4.41 13.69
C PHE A 830 8.44 4.55 14.47
N TRP A 831 9.53 4.40 13.74
CA TRP A 831 10.87 4.46 14.28
C TRP A 831 11.52 5.77 13.89
N ILE A 832 12.14 6.42 14.88
CA ILE A 832 12.83 7.69 14.72
C ILE A 832 14.33 7.41 14.73
N LYS A 833 15.06 8.01 13.80
CA LYS A 833 16.52 7.88 13.81
C LYS A 833 17.13 8.65 14.97
N LYS A 834 18.28 8.17 15.44
CA LYS A 834 19.08 8.92 16.40
C LYS A 834 19.67 10.14 15.71
N GLY A 835 19.57 11.29 16.37
CA GLY A 835 20.05 12.52 15.81
C GLY A 835 18.99 13.44 15.26
N PHE A 836 17.73 13.22 15.61
CA PHE A 836 16.68 14.16 15.26
C PHE A 836 16.89 15.49 16.00
N SER A 837 16.55 16.57 15.32
CA SER A 837 16.67 17.89 15.90
C SER A 837 15.62 18.09 16.99
N GLY A 838 15.83 19.12 17.81
CA GLY A 838 14.78 19.56 18.71
C GLY A 838 13.57 20.08 17.96
N ASP A 839 13.80 20.67 16.80
CA ASP A 839 12.70 21.11 15.95
C ASP A 839 11.97 19.92 15.32
N HIS A 840 12.73 18.99 14.71
CA HIS A 840 12.14 17.90 13.93
C HIS A 840 11.37 16.90 14.79
N LYS A 841 11.82 16.67 16.02
CA LYS A 841 11.03 15.88 16.97
C LYS A 841 9.70 16.57 17.25
N LEU A 842 9.72 17.89 17.40
CA LEU A 842 8.49 18.64 17.62
C LEU A 842 7.58 18.62 16.39
N LEU A 843 8.14 18.65 15.17
CA LEU A 843 7.33 18.44 13.97
C LEU A 843 6.72 17.04 13.94
N ILE A 844 7.44 16.02 14.40
CA ILE A 844 6.89 14.67 14.38
C ILE A 844 5.75 14.53 15.38
N THR A 845 5.92 15.03 16.61
CA THR A 845 4.81 14.98 17.56
C THR A 845 3.70 15.96 17.20
N THR A 846 3.99 17.02 16.44
CA THR A 846 2.92 17.89 15.96
C THR A 846 2.12 17.23 14.86
N ALA A 847 2.78 16.42 14.03
CA ALA A 847 2.06 15.61 13.05
C ALA A 847 1.19 14.57 13.74
N LEU A 848 1.73 13.93 14.79
CA LEU A 848 0.95 12.97 15.58
C LEU A 848 -0.22 13.65 16.28
N SER A 849 -0.03 14.86 16.79
CA SER A 849 -1.11 15.63 17.39
C SER A 849 -2.14 16.10 16.36
N ASP A 850 -1.69 16.39 15.13
CA ASP A 850 -2.61 16.76 14.06
C ASP A 850 -3.48 15.58 13.66
N ILE A 851 -2.90 14.38 13.62
CA ILE A 851 -3.71 13.19 13.39
C ILE A 851 -4.62 12.92 14.58
N ARG A 852 -4.15 13.19 15.81
CA ARG A 852 -4.96 13.00 17.01
C ARG A 852 -6.16 13.94 17.04
N ASP A 853 -5.98 15.17 16.56
CA ASP A 853 -7.09 16.12 16.55
C ASP A 853 -8.10 15.83 15.44
N GLY A 854 -7.79 14.92 14.53
CA GLY A 854 -8.69 14.56 13.46
C GLY A 854 -8.49 15.30 12.16
N LEU A 855 -7.34 15.97 11.97
CA LEU A 855 -7.11 16.74 10.77
C LEU A 855 -6.95 15.86 9.54
N TYR A 856 -6.43 14.65 9.71
CA TYR A 856 -6.14 13.76 8.59
C TYR A 856 -6.91 12.46 8.76
N PRO A 857 -8.05 12.29 8.10
CA PRO A 857 -8.73 10.99 8.11
C PRO A 857 -7.92 9.94 7.38
N LEU A 858 -8.06 8.69 7.83
CA LEU A 858 -7.31 7.59 7.26
C LEU A 858 -8.14 6.92 6.17
N GLY A 859 -7.46 6.51 5.11
CA GLY A 859 -8.14 5.83 4.02
C GLY A 859 -8.92 6.79 3.14
N SER A 860 -9.85 6.22 2.37
CA SER A 860 -10.62 6.98 1.41
C SER A 860 -11.89 7.54 2.04
N LYS A 861 -12.56 8.40 1.27
CA LYS A 861 -13.85 9.03 1.62
C LYS A 861 -13.76 9.83 2.91
N GLY A 862 -12.63 10.51 3.12
CA GLY A 862 -12.47 11.34 4.30
C GLY A 862 -13.38 12.56 4.31
N GLY A 863 -13.58 13.18 3.14
CA GLY A 863 -14.56 14.24 3.03
C GLY A 863 -15.97 13.74 3.21
N VAL A 864 -16.24 12.52 2.77
CA VAL A 864 -17.52 11.87 3.03
C VAL A 864 -17.65 11.54 4.52
N GLY A 865 -16.53 11.31 5.20
CA GLY A 865 -16.59 11.18 6.65
C GLY A 865 -16.05 9.86 7.13
N TYR A 866 -15.19 9.25 6.33
CA TYR A 866 -14.66 7.93 6.64
C TYR A 866 -13.28 8.04 7.25
N GLY A 867 -12.99 7.13 8.18
CA GLY A 867 -11.65 7.02 8.73
C GLY A 867 -11.25 8.16 9.63
N TRP A 868 -12.23 8.84 10.24
CA TRP A 868 -11.95 9.97 11.12
C TRP A 868 -11.36 9.48 12.43
N VAL A 869 -10.25 10.10 12.84
CA VAL A 869 -9.55 9.70 14.04
C VAL A 869 -10.25 10.31 15.25
N ALA A 870 -10.79 9.44 16.11
CA ALA A 870 -11.36 9.91 17.37
C ALA A 870 -10.26 10.28 18.37
N GLY A 871 -9.12 9.60 18.32
CA GLY A 871 -8.04 9.93 19.22
C GLY A 871 -6.83 9.05 18.97
N ILE A 872 -5.77 9.33 19.74
CA ILE A 872 -4.54 8.56 19.69
C ILE A 872 -4.05 8.33 21.12
N SER A 873 -3.76 7.06 21.44
CA SER A 873 -3.21 6.68 22.73
C SER A 873 -1.76 6.26 22.54
N ILE A 874 -0.85 6.90 23.28
CA ILE A 874 0.58 6.67 23.16
C ILE A 874 1.00 5.65 24.22
N ASP A 875 1.76 4.64 23.80
CA ASP A 875 2.20 3.58 24.69
C ASP A 875 3.17 4.10 25.75
N ASP A 876 3.29 3.34 26.84
CA ASP A 876 4.19 3.67 27.92
C ASP A 876 5.66 3.41 27.57
N ASN A 877 5.93 2.66 26.50
CA ASN A 877 7.30 2.39 26.07
C ASN A 877 7.86 3.50 25.19
N VAL A 878 7.06 4.50 24.84
CA VAL A 878 7.51 5.59 24.00
C VAL A 878 8.39 6.56 24.79
N ILE A 905 -24.61 28.17 19.85
CA ILE A 905 -24.99 29.40 19.16
C ILE A 905 -26.26 29.16 18.34
N ASN A 906 -26.94 30.25 17.97
CA ASN A 906 -28.14 30.16 17.15
C ASN A 906 -28.21 31.36 16.21
N ASN A 907 -28.85 31.15 15.06
CA ASN A 907 -29.06 32.21 14.10
C ASN A 907 -30.37 32.93 14.41
N ASP A 908 -30.31 34.26 14.50
CA ASP A 908 -31.47 35.06 14.87
C ASP A 908 -32.26 35.56 13.67
N TYR A 909 -31.88 35.19 12.46
CA TYR A 909 -32.60 35.64 11.27
C TYR A 909 -33.91 34.88 11.13
N VAL A 910 -34.97 35.61 10.78
CA VAL A 910 -36.30 35.04 10.56
C VAL A 910 -36.72 35.40 9.14
N HIS A 911 -36.92 34.39 8.30
CA HIS A 911 -37.41 34.57 6.94
C HIS A 911 -38.91 34.86 6.96
N PRO A 912 -39.38 35.76 6.09
CA PRO A 912 -40.83 36.02 6.03
C PRO A 912 -41.66 34.87 5.50
N GLY A 913 -41.06 33.94 4.77
CA GLY A 913 -41.81 32.85 4.18
C GLY A 913 -42.61 33.31 2.97
N HIS A 914 -43.55 32.47 2.56
CA HIS A 914 -44.45 32.78 1.47
C HIS A 914 -45.76 33.34 2.01
N GLN A 915 -46.42 34.15 1.18
CA GLN A 915 -47.61 34.88 1.64
C GLN A 915 -48.82 33.95 1.78
N SER A 916 -49.02 33.05 0.80
CA SER A 916 -50.21 32.20 0.79
C SER A 916 -50.34 31.20 1.95
N PRO A 917 -49.30 30.49 2.42
CA PRO A 917 -49.53 29.67 3.62
C PRO A 917 -49.72 30.49 4.89
N LYS A 918 -49.16 31.69 4.96
CA LYS A 918 -49.34 32.52 6.14
C LYS A 918 -50.72 33.18 6.18
N GLN A 919 -51.31 33.46 5.02
CA GLN A 919 -52.65 34.02 4.97
C GLN A 919 -53.74 32.95 4.96
N ASP A 920 -53.36 31.67 5.02
CA ASP A 920 -54.29 30.56 5.02
C ASP A 920 -54.18 29.85 6.36
N HIS A 921 -54.95 30.33 7.34
CA HIS A 921 -54.95 29.69 8.66
C HIS A 921 -55.69 28.36 8.62
N LYS A 922 -56.69 28.22 7.76
CA LYS A 922 -57.48 27.00 7.67
C LYS A 922 -56.79 25.92 6.83
N ASN A 923 -55.76 26.30 6.07
CA ASN A 923 -54.94 25.40 5.24
C ASN A 923 -55.77 24.64 4.20
N LYS A 924 -56.61 25.36 3.48
CA LYS A 924 -57.35 24.74 2.39
C LYS A 924 -56.54 24.65 1.10
N ASN A 925 -55.41 25.35 1.03
CA ASN A 925 -54.56 25.31 -0.15
C ASN A 925 -53.75 24.01 -0.17
N ILE A 926 -53.49 23.51 -1.37
CA ILE A 926 -52.68 22.32 -1.57
C ILE A 926 -51.49 22.70 -2.44
N TYR A 927 -50.29 22.40 -1.97
CA TYR A 927 -49.07 22.81 -2.64
C TYR A 927 -48.38 21.59 -3.24
N TYR A 928 -47.53 21.86 -4.23
CA TYR A 928 -46.72 20.81 -4.82
C TYR A 928 -45.64 20.38 -3.83
N PRO A 929 -45.33 19.09 -3.73
CA PRO A 929 -44.28 18.64 -2.80
C PRO A 929 -42.88 19.12 -3.13
N HIS A 930 -42.62 19.49 -4.38
CA HIS A 930 -41.31 20.01 -4.74
C HIS A 930 -41.47 21.23 -5.63
N TYR A 931 -40.45 22.08 -5.61
CA TYR A 931 -40.37 23.23 -6.49
C TYR A 931 -38.94 23.41 -6.95
N PHE A 932 -38.78 24.14 -8.04
CA PHE A 932 -37.49 24.31 -8.68
C PHE A 932 -36.98 25.72 -8.43
N LEU A 933 -35.74 25.82 -7.97
CA LEU A 933 -35.13 27.11 -7.68
C LEU A 933 -34.80 27.82 -8.99
N ASP A 934 -35.48 28.94 -9.24
CA ASP A 934 -35.32 29.67 -10.51
C ASP A 934 -34.06 30.52 -10.46
N SER A 935 -32.92 29.84 -10.58
CA SER A 935 -31.64 30.51 -10.72
C SER A 935 -31.27 30.64 -12.19
N GLY A 936 -30.57 31.73 -12.51
CA GLY A 936 -30.18 32.00 -13.87
C GLY A 936 -28.99 31.16 -14.32
N SER A 937 -28.51 31.49 -15.51
CA SER A 937 -27.39 30.77 -16.11
C SER A 937 -26.03 31.29 -15.65
N LYS A 938 -25.98 32.31 -14.80
CA LYS A 938 -24.71 32.87 -14.35
C LYS A 938 -24.15 32.01 -13.23
N VAL A 939 -23.01 31.39 -13.48
CA VAL A 939 -22.27 30.62 -12.48
C VAL A 939 -20.86 31.17 -12.42
N TYR A 940 -20.45 31.67 -11.27
CA TYR A 940 -19.10 32.19 -11.09
C TYR A 940 -18.14 31.02 -10.91
N ARG A 941 -17.00 31.08 -11.59
CA ARG A 941 -16.00 30.03 -11.53
C ARG A 941 -14.65 30.65 -11.23
N GLU A 942 -13.90 30.01 -10.33
CA GLU A 942 -12.59 30.50 -9.90
C GLU A 942 -11.52 29.56 -10.42
N LYS A 943 -10.59 30.11 -11.21
CA LYS A 943 -9.38 29.40 -11.59
C LYS A 943 -8.29 29.53 -10.55
N ASP A 944 -8.44 30.43 -9.58
CA ASP A 944 -7.51 30.55 -8.46
C ASP A 944 -7.92 29.54 -7.38
N ILE A 945 -7.60 28.29 -7.65
CA ILE A 945 -8.06 27.17 -6.83
C ILE A 945 -7.20 27.06 -5.59
N ILE A 946 -7.84 27.01 -4.42
CA ILE A 946 -7.12 26.87 -3.15
C ILE A 946 -6.52 25.48 -3.06
N THR A 947 -5.22 25.42 -2.87
CA THR A 947 -4.49 24.16 -2.86
C THR A 947 -4.50 23.54 -1.47
N HIS A 948 -4.32 22.23 -1.42
CA HIS A 948 -4.33 21.46 -0.18
C HIS A 948 -2.93 21.22 0.37
N GLU A 949 -1.90 21.86 -0.19
CA GLU A 949 -0.53 21.52 0.18
C GLU A 949 -0.06 22.23 1.45
N GLU A 950 -0.77 23.24 1.93
CA GLU A 950 -0.35 23.94 3.14
C GLU A 950 -1.57 24.49 3.85
N PHE A 951 -1.40 24.75 5.15
CA PHE A 951 -2.39 25.46 5.94
C PHE A 951 -2.07 26.94 5.85
N THR A 952 -2.80 27.64 4.99
CA THR A 952 -2.53 29.06 4.75
C THR A 952 -2.99 29.89 5.94
N GLU A 953 -2.18 30.91 6.28
CA GLU A 953 -2.46 31.71 7.47
C GLU A 953 -3.71 32.57 7.29
N GLU A 954 -3.89 33.19 6.12
CA GLU A 954 -5.06 34.04 5.91
C GLU A 954 -6.33 33.21 5.77
N LEU A 955 -6.23 31.96 5.34
CA LEU A 955 -7.39 31.10 5.25
C LEU A 955 -7.62 30.40 6.59
N LEU A 956 -8.83 29.89 6.77
CA LEU A 956 -9.30 29.38 8.04
C LEU A 956 -9.49 27.87 7.98
N SER A 957 -9.06 27.18 9.02
CA SER A 957 -9.20 25.74 9.14
C SER A 957 -9.62 25.40 10.55
N GLY A 958 -10.52 24.43 10.67
CA GLY A 958 -11.03 24.04 11.97
C GLY A 958 -12.10 22.98 11.92
N LYS A 959 -12.94 22.96 12.96
CA LYS A 959 -13.97 21.95 13.12
C LYS A 959 -15.22 22.59 13.69
N ILE A 960 -16.37 22.27 13.10
CA ILE A 960 -17.66 22.80 13.55
C ILE A 960 -18.41 21.66 14.22
N ASN A 961 -18.67 21.81 15.52
CA ASN A 961 -19.55 20.93 16.27
C ASN A 961 -20.98 21.45 16.09
N CYS A 962 -21.81 20.65 15.40
CA CYS A 962 -23.19 20.99 15.12
C CYS A 962 -24.11 19.92 15.67
N LYS A 963 -25.24 20.35 16.24
CA LYS A 963 -26.34 19.46 16.56
C LYS A 963 -27.40 19.52 15.46
N LEU A 964 -28.14 18.44 15.33
CA LEU A 964 -29.03 18.18 14.20
C LEU A 964 -30.37 17.76 14.78
N GLU A 965 -31.32 18.69 14.80
CA GLU A 965 -32.64 18.44 15.36
C GLU A 965 -33.62 18.15 14.24
N THR A 966 -34.29 17.01 14.32
CA THR A 966 -35.27 16.61 13.32
C THR A 966 -36.60 17.27 13.65
N LEU A 967 -37.12 18.08 12.72
CA LEU A 967 -38.37 18.79 12.93
C LEU A 967 -39.58 17.97 12.53
N THR A 968 -39.46 17.17 11.48
CA THR A 968 -40.35 16.06 11.19
C THR A 968 -39.58 14.76 11.42
N PRO A 969 -40.26 13.62 11.40
CA PRO A 969 -39.54 12.35 11.40
C PRO A 969 -38.62 12.17 10.20
N LEU A 970 -37.50 11.49 10.44
CA LEU A 970 -36.39 11.40 9.51
C LEU A 970 -36.15 9.94 9.14
N ILE A 971 -35.92 9.70 7.85
CA ILE A 971 -35.63 8.37 7.34
C ILE A 971 -34.24 8.39 6.72
N ILE A 972 -33.29 7.71 7.35
CA ILE A 972 -31.99 7.45 6.74
C ILE A 972 -31.86 5.94 6.63
N PRO A 973 -32.22 5.34 5.50
CA PRO A 973 -32.30 3.88 5.44
C PRO A 973 -30.94 3.21 5.33
N ASP A 974 -30.85 2.04 5.97
CA ASP A 974 -29.67 1.18 5.85
C ASP A 974 -29.92 0.26 4.67
N THR A 975 -29.53 0.71 3.48
CA THR A 975 -29.84 0.03 2.23
C THR A 975 -28.93 -1.17 1.95
N SER A 976 -27.99 -1.46 2.85
CA SER A 976 -27.21 -2.69 2.74
C SER A 976 -28.10 -3.92 2.85
N ASP A 977 -29.03 -3.90 3.80
CA ASP A 977 -30.00 -4.97 3.97
C ASP A 977 -31.32 -4.50 3.38
N GLU A 978 -31.73 -5.12 2.28
CA GLU A 978 -33.04 -4.86 1.70
C GLU A 978 -34.16 -5.55 2.44
N ASN A 979 -33.82 -6.43 3.39
CA ASN A 979 -34.75 -7.05 4.32
C ASN A 979 -34.29 -6.81 5.75
N GLY A 980 -33.99 -5.54 6.06
CA GLY A 980 -33.49 -5.18 7.37
C GLY A 980 -34.52 -5.28 8.48
N LEU A 981 -35.80 -5.21 8.13
CA LEU A 981 -36.88 -5.36 9.10
C LEU A 981 -37.47 -6.76 9.10
N LYS A 982 -36.99 -7.64 8.22
CA LYS A 982 -37.34 -9.07 8.15
C LYS A 982 -38.83 -9.29 7.94
N LEU A 983 -39.34 -8.75 6.83
CA LEU A 983 -40.74 -8.99 6.47
C LEU A 983 -40.91 -9.22 4.98
N GLN A 984 -39.85 -9.66 4.30
CA GLN A 984 -39.96 -10.05 2.90
C GLN A 984 -40.56 -11.44 2.73
N GLY A 985 -40.57 -12.26 3.79
CA GLY A 985 -41.19 -13.56 3.70
C GLY A 985 -42.71 -13.47 3.55
N ASN A 986 -43.33 -12.53 4.26
CA ASN A 986 -44.76 -12.30 4.10
C ASN A 986 -45.07 -11.62 2.78
N LYS A 987 -44.31 -10.58 2.45
CA LYS A 987 -44.50 -9.81 1.22
C LYS A 987 -43.24 -9.86 0.38
N PRO A 988 -43.14 -10.75 -0.61
CA PRO A 988 -41.94 -10.82 -1.44
C PRO A 988 -41.80 -9.61 -2.35
N GLY A 989 -40.54 -9.21 -2.55
CA GLY A 989 -40.23 -8.05 -3.37
C GLY A 989 -40.38 -6.72 -2.68
N HIS A 990 -40.79 -6.69 -1.42
CA HIS A 990 -41.05 -5.47 -0.68
C HIS A 990 -39.79 -5.09 0.08
N LYS A 991 -39.05 -4.10 -0.43
CA LYS A 991 -37.77 -3.73 0.16
C LYS A 991 -38.00 -3.02 1.49
N ASN A 992 -37.36 -3.52 2.55
CA ASN A 992 -37.49 -2.95 3.88
C ASN A 992 -36.11 -2.71 4.49
N TYR A 993 -35.87 -1.48 4.90
CA TYR A 993 -34.57 -1.09 5.42
C TYR A 993 -34.68 -0.67 6.89
N LYS A 994 -33.62 -0.94 7.63
CA LYS A 994 -33.47 -0.34 8.95
C LYS A 994 -32.96 1.08 8.81
N PHE A 995 -32.97 1.81 9.93
CA PHE A 995 -32.26 3.08 9.99
C PHE A 995 -30.77 2.82 9.91
N PHE A 996 -30.03 3.81 9.41
CA PHE A 996 -28.59 3.65 9.23
C PHE A 996 -27.91 3.51 10.58
N ASN A 997 -27.12 2.46 10.72
CA ASN A 997 -26.51 2.12 11.99
C ASN A 997 -25.19 1.40 11.74
N ILE A 998 -24.18 1.81 12.48
CA ILE A 998 -22.90 1.12 12.53
C ILE A 998 -22.72 0.63 13.96
N ASN A 999 -22.57 -0.68 14.12
CA ASN A 999 -22.41 -1.37 15.41
C ASN A 999 -23.60 -1.10 16.34
N GLY A 1000 -24.81 -1.16 15.80
CA GLY A 1000 -26.03 -1.05 16.57
C GLY A 1000 -26.48 0.37 16.86
N GLU A 1001 -25.55 1.26 17.18
CA GLU A 1001 -25.84 2.66 17.42
C GLU A 1001 -26.17 3.39 16.12
N LEU A 1002 -27.04 4.39 16.25
CA LEU A 1002 -27.69 4.98 15.09
C LEU A 1002 -26.88 6.15 14.56
N MET A 1003 -26.70 6.18 13.24
CA MET A 1003 -25.83 7.16 12.61
C MET A 1003 -26.54 7.75 11.41
N ILE A 1004 -26.22 9.00 11.10
CA ILE A 1004 -26.46 9.59 9.79
C ILE A 1004 -25.12 9.69 9.09
N PRO A 1005 -24.94 9.10 7.91
CA PRO A 1005 -23.65 9.19 7.23
C PRO A 1005 -23.36 10.61 6.78
N GLY A 1006 -22.06 10.94 6.75
CA GLY A 1006 -21.66 12.24 6.28
C GLY A 1006 -21.72 12.38 4.78
N SER A 1007 -21.97 11.29 4.06
CA SER A 1007 -22.29 11.39 2.65
C SER A 1007 -23.66 12.02 2.44
N GLU A 1008 -24.65 11.61 3.25
CA GLU A 1008 -25.98 12.20 3.18
C GLU A 1008 -25.96 13.67 3.59
N LEU A 1009 -25.30 13.97 4.72
CA LEU A 1009 -25.17 15.35 5.18
C LEU A 1009 -24.35 16.18 4.22
N ARG A 1010 -23.30 15.59 3.65
CA ARG A 1010 -22.43 16.31 2.72
C ARG A 1010 -23.15 16.61 1.41
N GLY A 1011 -23.89 15.65 0.87
CA GLY A 1011 -24.65 15.90 -0.34
C GLY A 1011 -25.80 16.85 -0.13
N MET A 1012 -26.45 16.78 1.03
CA MET A 1012 -27.48 17.75 1.39
C MET A 1012 -26.93 19.17 1.50
N LEU A 1013 -25.83 19.32 2.23
CA LEU A 1013 -25.21 20.63 2.38
C LEU A 1013 -24.56 21.09 1.08
N ARG A 1014 -24.17 20.15 0.22
CA ARG A 1014 -23.67 20.50 -1.10
C ARG A 1014 -24.78 21.03 -1.98
N THR A 1015 -25.97 20.43 -1.92
CA THR A 1015 -27.13 20.96 -2.63
C THR A 1015 -27.51 22.33 -2.10
N HIS A 1016 -27.48 22.51 -0.77
CA HIS A 1016 -27.80 23.81 -0.18
C HIS A 1016 -26.75 24.86 -0.53
N PHE A 1017 -25.48 24.48 -0.59
CA PHE A 1017 -24.43 25.44 -0.92
C PHE A 1017 -24.42 25.76 -2.40
N GLU A 1018 -24.72 24.79 -3.26
CA GLU A 1018 -24.82 25.03 -4.69
C GLU A 1018 -26.03 25.91 -5.01
N ALA A 1019 -27.13 25.73 -4.27
CA ALA A 1019 -28.27 26.62 -4.40
C ALA A 1019 -28.01 27.98 -3.78
N LEU A 1020 -27.18 28.03 -2.73
CA LEU A 1020 -26.90 29.28 -2.03
C LEU A 1020 -25.97 30.16 -2.85
N THR A 1021 -25.05 29.56 -3.60
CA THR A 1021 -23.99 30.28 -4.28
C THR A 1021 -24.25 30.44 -5.78
N LYS A 1022 -25.45 30.07 -6.25
CA LYS A 1022 -25.85 30.12 -7.67
C LYS A 1022 -24.89 29.37 -8.55
N SER A 1023 -24.40 28.23 -8.06
CA SER A 1023 -23.29 27.53 -8.68
C SER A 1023 -23.82 26.47 -9.66
N CYS A 1024 -22.94 25.58 -10.10
CA CYS A 1024 -23.26 24.66 -11.18
C CYS A 1024 -24.08 23.47 -10.66
N PHE A 1025 -24.84 22.88 -11.58
CA PHE A 1025 -25.58 21.65 -11.31
C PHE A 1025 -24.57 20.52 -11.39
N ALA A 1026 -23.91 20.25 -10.26
CA ALA A 1026 -22.72 19.41 -10.26
C ALA A 1026 -23.02 17.95 -10.59
N ILE A 1027 -24.27 17.53 -10.44
CA ILE A 1027 -24.71 16.21 -10.86
C ILE A 1027 -25.91 16.39 -11.77
N PHE A 1028 -25.81 15.88 -12.99
CA PHE A 1028 -26.94 16.01 -13.89
C PHE A 1028 -27.00 14.80 -14.82
N GLY A 1029 -28.22 14.42 -15.17
CA GLY A 1029 -28.44 13.31 -16.08
C GLY A 1029 -28.27 13.73 -17.52
N GLU A 1030 -27.02 13.83 -17.97
CA GLU A 1030 -26.70 14.31 -19.31
C GLU A 1030 -27.27 13.41 -20.40
N ASP A 1031 -27.16 12.09 -20.21
CA ASP A 1031 -27.51 11.14 -21.25
C ASP A 1031 -29.00 10.89 -21.40
N SER A 1032 -29.82 11.38 -20.46
CA SER A 1032 -31.25 11.14 -20.51
C SER A 1032 -31.92 11.99 -21.59
N THR A 1033 -32.92 11.42 -22.24
CA THR A 1033 -33.68 12.08 -23.29
C THR A 1033 -35.13 12.21 -22.87
N LEU A 1034 -35.81 13.20 -23.44
CA LEU A 1034 -37.19 13.49 -23.11
C LEU A 1034 -38.11 13.09 -24.27
N SER A 1035 -39.38 12.86 -23.93
CA SER A 1035 -40.38 12.50 -24.93
C SER A 1035 -41.76 13.01 -24.52
N ALA A 1397 -37.27 16.78 -27.13
CA ALA A 1397 -36.92 15.47 -27.67
C ALA A 1397 -35.78 15.58 -28.67
N SER A 1398 -35.61 16.78 -29.24
CA SER A 1398 -34.53 17.00 -30.18
C SER A 1398 -33.17 17.02 -29.48
N LYS A 1399 -33.12 17.60 -28.29
CA LYS A 1399 -31.91 17.63 -27.48
C LYS A 1399 -32.05 16.66 -26.31
N THR A 1400 -30.91 16.34 -25.69
CA THR A 1400 -30.91 15.55 -24.48
C THR A 1400 -31.25 16.44 -23.28
N LEU A 1401 -31.22 15.84 -22.09
CA LEU A 1401 -31.39 16.64 -20.88
C LEU A 1401 -30.18 17.54 -20.65
N GLY A 1402 -28.97 17.00 -20.81
CA GLY A 1402 -27.77 17.80 -20.60
C GLY A 1402 -27.53 18.83 -21.68
N GLY A 1403 -28.05 18.58 -22.89
CA GLY A 1403 -27.98 19.60 -23.93
C GLY A 1403 -28.87 20.79 -23.63
N LYS A 1404 -30.05 20.53 -23.04
CA LYS A 1404 -30.98 21.61 -22.72
C LYS A 1404 -30.53 22.42 -21.51
N LEU A 1405 -29.66 21.87 -20.66
CA LEU A 1405 -29.11 22.62 -19.54
C LEU A 1405 -28.14 23.68 -20.04
N ASP A 1406 -28.01 24.76 -19.27
CA ASP A 1406 -27.10 25.83 -19.61
C ASP A 1406 -25.65 25.38 -19.47
N LYS A 1407 -24.77 26.02 -20.26
CA LYS A 1407 -23.37 25.61 -20.32
C LYS A 1407 -22.63 25.89 -19.02
N ALA A 1408 -22.91 27.03 -18.38
CA ALA A 1408 -22.32 27.32 -17.09
C ALA A 1408 -22.97 26.50 -15.97
N LEU A 1409 -24.16 25.98 -16.19
CA LEU A 1409 -24.82 25.10 -15.23
C LEU A 1409 -24.32 23.66 -15.32
N HIS A 1410 -23.50 23.34 -16.32
CA HIS A 1410 -22.93 22.01 -16.45
C HIS A 1410 -21.94 21.74 -15.30
N PRO A 1411 -21.76 20.47 -14.93
CA PRO A 1411 -20.77 20.14 -13.89
C PRO A 1411 -19.36 20.55 -14.28
N CYS A 1412 -18.59 20.98 -13.28
CA CYS A 1412 -17.22 21.40 -13.51
C CYS A 1412 -16.35 20.19 -13.78
N THR A 1413 -15.83 20.10 -15.00
CA THR A 1413 -14.99 18.98 -15.42
C THR A 1413 -13.57 19.50 -15.62
N GLY A 1414 -12.67 19.08 -14.74
CA GLY A 1414 -11.29 19.50 -14.80
C GLY A 1414 -11.05 20.85 -14.15
N LEU A 1415 -9.78 21.14 -13.90
CA LEU A 1415 -9.37 22.37 -13.26
C LEU A 1415 -8.79 23.38 -14.23
N SER A 1416 -8.80 23.08 -15.54
CA SER A 1416 -8.34 24.05 -16.53
C SER A 1416 -9.26 25.26 -16.59
N ASP A 1417 -10.57 25.00 -16.67
CA ASP A 1417 -11.55 26.03 -16.41
C ASP A 1417 -11.72 26.19 -14.90
N GLY A 1418 -12.50 27.20 -14.50
CA GLY A 1418 -12.73 27.43 -13.10
C GLY A 1418 -13.66 26.41 -12.48
N LEU A 1419 -13.75 26.47 -11.16
CA LEU A 1419 -14.67 25.63 -10.39
C LEU A 1419 -15.75 26.50 -9.76
N CYS A 1420 -16.97 25.99 -9.78
CA CYS A 1420 -18.09 26.63 -9.10
C CYS A 1420 -17.87 26.57 -7.59
N PRO A 1421 -18.48 27.50 -6.83
CA PRO A 1421 -18.28 27.51 -5.36
C PRO A 1421 -18.71 26.23 -4.65
N GLY A 1422 -19.78 25.58 -5.12
CA GLY A 1422 -20.10 24.27 -4.59
C GLY A 1422 -19.06 23.23 -4.94
N CYS A 1423 -18.57 23.26 -6.17
CA CYS A 1423 -17.50 22.36 -6.59
C CYS A 1423 -16.15 22.77 -6.02
N HIS A 1424 -15.95 24.04 -5.68
CA HIS A 1424 -14.72 24.44 -5.00
C HIS A 1424 -14.72 24.01 -3.54
N LEU A 1425 -15.86 24.17 -2.86
CA LEU A 1425 -15.92 23.82 -1.45
C LEU A 1425 -15.98 22.31 -1.25
N PHE A 1426 -16.90 21.64 -1.95
CA PHE A 1426 -17.17 20.23 -1.70
C PHE A 1426 -16.38 19.30 -2.60
N GLY A 1427 -15.80 19.80 -3.68
CA GLY A 1427 -14.84 19.04 -4.45
C GLY A 1427 -15.31 18.75 -5.87
N THR A 1428 -14.46 18.00 -6.56
CA THR A 1428 -14.57 17.70 -7.98
C THR A 1428 -13.76 16.41 -8.16
N THR A 1429 -13.97 15.70 -9.28
CA THR A 1429 -13.17 14.51 -9.58
C THR A 1429 -11.68 14.81 -9.66
N ASP A 1430 -11.30 16.05 -10.01
CA ASP A 1430 -9.91 16.45 -10.07
C ASP A 1430 -9.45 17.28 -8.87
N TYR A 1431 -10.25 17.35 -7.81
CA TYR A 1431 -9.96 18.27 -6.71
C TYR A 1431 -10.69 17.85 -5.45
N LYS A 1432 -9.94 17.55 -4.39
CA LYS A 1432 -10.56 17.16 -3.12
C LYS A 1432 -11.25 18.35 -2.47
N GLY A 1433 -12.41 18.09 -1.87
CA GLY A 1433 -13.15 19.13 -1.20
C GLY A 1433 -12.48 19.57 0.09
N ARG A 1434 -12.73 20.81 0.45
CA ARG A 1434 -12.13 21.42 1.63
C ARG A 1434 -13.01 21.31 2.86
N VAL A 1435 -14.15 20.64 2.76
CA VAL A 1435 -15.01 20.36 3.89
C VAL A 1435 -15.13 18.85 4.01
N LYS A 1436 -15.11 18.35 5.24
CA LYS A 1436 -15.30 16.94 5.52
C LYS A 1436 -16.44 16.82 6.52
N PHE A 1437 -17.49 16.10 6.13
CA PHE A 1437 -18.70 15.98 6.94
C PHE A 1437 -18.68 14.65 7.66
N GLY A 1438 -18.68 14.70 8.98
CA GLY A 1438 -18.61 13.48 9.76
C GLY A 1438 -19.92 12.74 9.81
N PHE A 1439 -19.83 11.50 10.30
CA PHE A 1439 -21.03 10.71 10.54
C PHE A 1439 -21.72 11.23 11.79
N ALA A 1440 -23.00 11.55 11.67
CA ALA A 1440 -23.75 12.18 12.76
C ALA A 1440 -24.17 11.12 13.77
N LYS A 1441 -23.57 11.15 14.96
CA LYS A 1441 -23.97 10.26 16.03
C LYS A 1441 -25.29 10.74 16.62
N TYR A 1442 -26.05 9.81 17.21
CA TYR A 1442 -27.32 10.14 17.84
C TYR A 1442 -27.12 10.23 19.35
N GLU A 1443 -27.66 11.29 19.96
CA GLU A 1443 -27.52 11.46 21.41
C GLU A 1443 -28.85 11.35 22.15
N ASN A 1444 -29.66 12.36 21.91
CA ASN A 1444 -30.90 12.44 22.68
C ASN A 1444 -32.09 12.78 21.81
N GLY A 1445 -33.19 12.14 22.08
CA GLY A 1445 -34.47 12.40 21.41
C GLY A 1445 -35.45 11.35 21.82
N PRO A 1446 -36.62 11.23 21.17
CA PRO A 1446 -37.57 10.19 21.50
C PRO A 1446 -37.29 8.86 20.82
N GLU A 1447 -36.18 8.82 20.10
CA GLU A 1447 -35.63 7.80 19.23
C GLU A 1447 -36.80 7.69 18.30
N TRP A 1448 -37.18 6.46 17.93
CA TRP A 1448 -38.16 6.16 16.88
C TRP A 1448 -39.52 6.81 16.91
N LEU A 1449 -40.18 6.82 15.76
CA LEU A 1449 -41.53 7.36 15.66
C LEU A 1449 -42.39 6.13 15.78
N ILE A 1450 -43.06 5.92 16.90
CA ILE A 1450 -43.88 4.71 17.11
C ILE A 1450 -45.26 4.94 16.54
N THR A 1451 -45.76 3.99 15.75
CA THR A 1451 -47.11 3.90 15.14
C THR A 1451 -47.65 2.52 15.50
N ARG A 1452 -48.86 2.41 16.05
CA ARG A 1452 -49.46 1.20 16.60
C ARG A 1452 -49.93 0.22 15.52
N GLY A 1453 -50.26 0.72 14.33
CA GLY A 1453 -50.76 -0.16 13.28
C GLY A 1453 -49.71 -1.05 12.65
N ASN A 1454 -48.43 -0.73 12.85
CA ASN A 1454 -47.35 -1.45 12.21
C ASN A 1454 -46.96 -2.68 13.03
N ASN A 1455 -46.55 -3.74 12.32
CA ASN A 1455 -45.97 -4.89 13.03
C ASN A 1455 -44.62 -4.54 13.66
N PRO A 1456 -43.65 -3.86 12.98
CA PRO A 1456 -42.61 -3.18 13.76
C PRO A 1456 -43.00 -1.74 14.07
N GLU A 1457 -43.21 -1.41 15.35
CA GLU A 1457 -43.67 -0.08 15.73
C GLU A 1457 -42.62 1.00 15.47
N ARG A 1458 -41.34 0.61 15.40
CA ARG A 1458 -40.29 1.52 14.98
C ARG A 1458 -40.49 1.98 13.53
N SER A 1459 -40.99 1.08 12.69
CA SER A 1459 -41.06 1.31 11.26
C SER A 1459 -42.31 2.09 10.88
N LEU A 1460 -42.31 2.57 9.64
CA LEU A 1460 -43.46 3.28 9.08
C LEU A 1460 -43.35 3.19 7.56
N THR A 1461 -44.28 2.45 6.95
CA THR A 1461 -44.38 2.41 5.50
C THR A 1461 -44.79 3.79 4.97
N LEU A 1462 -44.23 4.15 3.83
CA LEU A 1462 -44.63 5.40 3.18
C LEU A 1462 -45.28 5.06 1.85
N GLY A 1463 -45.65 6.10 1.11
CA GLY A 1463 -46.20 5.92 -0.21
C GLY A 1463 -45.13 5.45 -1.20
N VAL A 1464 -45.59 5.09 -2.40
CA VAL A 1464 -44.67 4.65 -3.42
C VAL A 1464 -43.81 5.83 -3.89
N LEU A 1465 -42.57 5.54 -4.24
CA LEU A 1465 -41.60 6.56 -4.63
C LEU A 1465 -41.18 6.24 -6.06
N GLU A 1466 -41.96 6.71 -7.01
CA GLU A 1466 -41.64 6.50 -8.41
C GLU A 1466 -40.59 7.50 -8.87
N SER A 1467 -40.04 7.24 -10.04
CA SER A 1467 -38.98 8.08 -10.57
C SER A 1467 -39.52 9.47 -10.91
N PRO A 1468 -38.78 10.53 -10.62
CA PRO A 1468 -39.21 11.87 -11.02
C PRO A 1468 -39.25 12.02 -12.52
N ARG A 1469 -40.27 12.71 -13.00
CA ARG A 1469 -40.52 12.83 -14.43
C ARG A 1469 -40.15 14.22 -14.91
N PRO A 1470 -39.09 14.38 -15.70
CA PRO A 1470 -38.78 15.70 -16.27
C PRO A 1470 -39.75 16.15 -17.35
N ALA A 1471 -40.62 15.27 -17.84
CA ALA A 1471 -41.61 15.65 -18.84
C ALA A 1471 -42.66 16.60 -18.26
N PHE A 1472 -42.98 16.46 -16.97
CA PHE A 1472 -43.84 17.44 -16.31
C PHE A 1472 -43.10 18.76 -16.11
N SER A 1473 -41.83 18.68 -15.74
CA SER A 1473 -41.05 19.87 -15.47
C SER A 1473 -40.62 20.58 -16.76
N ILE A 1474 -40.26 19.80 -17.78
CA ILE A 1474 -39.98 20.34 -19.10
C ILE A 1474 -41.06 19.81 -20.03
N PRO A 1475 -42.11 20.58 -20.30
CA PRO A 1475 -43.23 20.03 -21.07
C PRO A 1475 -43.00 19.97 -22.57
N ASP A 1476 -42.32 20.97 -23.13
CA ASP A 1476 -42.08 21.03 -24.56
C ASP A 1476 -40.59 21.19 -24.81
N ASP A 1477 -40.23 21.30 -26.09
CA ASP A 1477 -38.83 21.46 -26.46
C ASP A 1477 -38.33 22.87 -26.17
N GLU A 1478 -39.24 23.85 -26.16
CA GLU A 1478 -38.83 25.24 -25.92
C GLU A 1478 -38.51 25.51 -24.46
N SER A 1479 -39.13 24.78 -23.54
CA SER A 1479 -38.86 24.98 -22.12
C SER A 1479 -37.49 24.39 -21.76
N GLU A 1480 -36.81 25.05 -20.83
CA GLU A 1480 -35.50 24.64 -20.37
C GLU A 1480 -35.62 23.95 -19.01
N ILE A 1481 -34.48 23.65 -18.40
CA ILE A 1481 -34.45 23.14 -17.04
C ILE A 1481 -34.78 24.30 -16.11
N PRO A 1482 -35.80 24.18 -15.26
CA PRO A 1482 -36.19 25.31 -14.41
C PRO A 1482 -35.23 25.56 -13.26
N GLY A 1483 -34.65 24.53 -12.68
CA GLY A 1483 -33.68 24.72 -11.63
C GLY A 1483 -33.59 23.51 -10.72
N ARG A 1484 -32.96 23.74 -9.58
CA ARG A 1484 -32.69 22.68 -8.61
C ARG A 1484 -33.98 22.33 -7.88
N LYS A 1485 -34.26 21.03 -7.76
CA LYS A 1485 -35.50 20.59 -7.13
C LYS A 1485 -35.31 20.51 -5.62
N PHE A 1486 -36.15 21.22 -4.88
CA PHE A 1486 -36.15 21.20 -3.43
C PHE A 1486 -37.56 20.87 -2.94
N TYR A 1487 -37.62 20.25 -1.77
CA TYR A 1487 -38.86 19.72 -1.23
C TYR A 1487 -39.33 20.57 -0.05
N LEU A 1488 -40.64 20.73 0.04
CA LEU A 1488 -41.23 21.57 1.06
C LEU A 1488 -41.13 20.93 2.44
N HIS A 1489 -41.18 21.77 3.46
CA HIS A 1489 -41.21 21.34 4.86
C HIS A 1489 -42.67 21.29 5.29
N HIS A 1490 -43.25 20.09 5.26
CA HIS A 1490 -44.64 19.91 5.60
C HIS A 1490 -44.80 18.65 6.45
N ASN A 1491 -46.03 18.40 6.86
CA ASN A 1491 -46.36 17.26 7.71
C ASN A 1491 -47.27 16.28 6.98
N GLY A 1492 -46.93 15.98 5.72
CA GLY A 1492 -47.60 14.91 4.98
C GLY A 1492 -47.29 13.53 5.50
N TRP A 1493 -46.24 13.38 6.31
CA TRP A 1493 -45.99 12.14 7.02
C TRP A 1493 -47.12 11.82 7.99
N ARG A 1494 -47.76 12.85 8.56
CA ARG A 1494 -48.95 12.63 9.37
C ARG A 1494 -50.08 12.04 8.53
N ILE A 1495 -50.21 12.52 7.29
CA ILE A 1495 -51.22 11.98 6.36
C ILE A 1495 -50.92 10.54 6.03
N ILE A 1496 -49.63 10.22 5.82
CA ILE A 1496 -49.21 8.83 5.57
C ILE A 1496 -49.48 7.95 6.80
N ARG A 1497 -49.22 8.49 7.99
CA ARG A 1497 -49.48 7.78 9.24
C ARG A 1497 -50.98 7.55 9.46
N GLN A 1498 -51.82 8.45 8.96
CA GLN A 1498 -53.27 8.28 9.13
C GLN A 1498 -53.81 7.14 8.26
N LYS A 1499 -53.39 7.06 7.01
CA LYS A 1499 -53.83 6.00 6.11
C LYS A 1499 -52.80 4.88 6.00
N GLN A 1500 -52.14 4.58 7.12
CA GLN A 1500 -51.13 3.54 7.14
C GLN A 1500 -51.73 2.15 6.93
N LEU A 1501 -52.94 1.93 7.42
CA LEU A 1501 -53.63 0.67 7.15
C LEU A 1501 -53.94 0.53 5.67
N GLU A 1502 -54.39 1.61 5.04
CA GLU A 1502 -54.78 1.56 3.63
C GLU A 1502 -53.60 1.50 2.68
N ILE A 1503 -52.42 1.97 3.09
CA ILE A 1503 -51.25 1.98 2.22
C ILE A 1503 -50.77 0.56 1.94
N ARG A 1504 -50.82 -0.31 2.94
CA ARG A 1504 -50.30 -1.66 2.82
C ARG A 1504 -51.13 -2.58 1.92
N GLU A 1505 -52.35 -2.18 1.54
CA GLU A 1505 -53.12 -2.97 0.59
C GLU A 1505 -53.52 -2.22 -0.68
N THR A 1506 -53.59 -0.88 -0.66
CA THR A 1506 -54.00 -0.18 -1.87
C THR A 1506 -52.91 -0.14 -2.93
N VAL A 1507 -51.65 -0.24 -2.54
CA VAL A 1507 -50.55 -0.30 -3.48
C VAL A 1507 -49.87 -1.65 -3.37
N GLN A 1508 -49.11 -2.01 -4.39
CA GLN A 1508 -48.41 -3.28 -4.40
C GLN A 1508 -47.22 -3.23 -3.42
N PRO A 1509 -46.90 -4.36 -2.77
CA PRO A 1509 -45.75 -4.37 -1.85
C PRO A 1509 -44.41 -4.06 -2.51
N GLU A 1510 -44.21 -4.40 -3.77
CA GLU A 1510 -42.93 -4.19 -4.42
C GLU A 1510 -42.77 -2.77 -4.97
N ARG A 1511 -43.72 -1.86 -4.69
CA ARG A 1511 -43.62 -0.49 -5.13
C ARG A 1511 -43.36 0.50 -4.01
N ASN A 1512 -43.64 0.14 -2.76
CA ASN A 1512 -43.37 0.99 -1.61
C ASN A 1512 -42.30 0.33 -0.72
N VAL A 1513 -41.89 1.06 0.32
CA VAL A 1513 -40.87 0.60 1.25
C VAL A 1513 -41.35 0.82 2.67
N THR A 1514 -40.99 -0.11 3.56
CA THR A 1514 -41.24 0.00 4.99
C THR A 1514 -39.89 0.21 5.66
N THR A 1515 -39.75 1.30 6.40
CA THR A 1515 -38.44 1.66 6.91
C THR A 1515 -38.54 2.10 8.36
N GLU A 1516 -37.45 1.88 9.10
CA GLU A 1516 -37.33 2.42 10.46
C GLU A 1516 -37.28 3.94 10.39
N VAL A 1517 -38.08 4.59 11.24
CA VAL A 1517 -38.31 6.03 11.15
C VAL A 1517 -37.99 6.64 12.50
N MET A 1518 -37.01 7.54 12.53
CA MET A 1518 -36.65 8.27 13.74
C MET A 1518 -37.56 9.48 13.90
N ASP A 1519 -38.12 9.64 15.11
CA ASP A 1519 -39.18 10.61 15.36
C ASP A 1519 -38.63 12.03 15.32
N LYS A 1520 -39.53 13.00 15.23
CA LYS A 1520 -39.13 14.41 15.29
C LYS A 1520 -38.66 14.78 16.68
N GLY A 1521 -37.73 15.73 16.75
CA GLY A 1521 -37.14 16.14 18.01
C GLY A 1521 -35.88 15.40 18.39
N ASN A 1522 -35.37 14.53 17.52
CA ASN A 1522 -34.18 13.76 17.85
C ASN A 1522 -32.94 14.59 17.55
N VAL A 1523 -31.93 14.45 18.40
CA VAL A 1523 -30.71 15.25 18.31
C VAL A 1523 -29.55 14.36 17.88
N PHE A 1524 -28.95 14.71 16.76
CA PHE A 1524 -27.69 14.15 16.31
C PHE A 1524 -26.59 15.18 16.54
N SER A 1525 -25.35 14.70 16.54
CA SER A 1525 -24.17 15.57 16.62
C SER A 1525 -23.23 15.16 15.50
N PHE A 1526 -22.79 16.14 14.71
CA PHE A 1526 -21.81 15.88 13.68
C PHE A 1526 -20.80 17.02 13.59
N ASP A 1527 -19.63 16.66 13.11
CA ASP A 1527 -18.53 17.59 12.93
C ASP A 1527 -18.37 17.87 11.44
N VAL A 1528 -18.22 19.14 11.12
CA VAL A 1528 -17.81 19.56 9.78
C VAL A 1528 -16.38 20.09 9.94
N ARG A 1529 -15.40 19.27 9.57
CA ARG A 1529 -14.02 19.74 9.61
C ARG A 1529 -13.73 20.47 8.32
N PHE A 1530 -13.57 21.77 8.44
CA PHE A 1530 -13.28 22.61 7.30
C PHE A 1530 -11.79 22.94 7.27
N GLU A 1531 -11.30 23.25 6.08
CA GLU A 1531 -9.86 23.27 5.86
C GLU A 1531 -9.55 24.34 4.82
N ASN A 1532 -8.76 25.34 5.21
CA ASN A 1532 -8.25 26.39 4.31
C ASN A 1532 -9.37 27.17 3.63
N LEU A 1533 -10.47 27.40 4.36
CA LEU A 1533 -11.57 28.16 3.80
C LEU A 1533 -11.29 29.64 3.86
N ARG A 1534 -11.93 30.39 2.97
CA ARG A 1534 -11.88 31.83 3.07
C ARG A 1534 -12.69 32.33 4.27
N GLU A 1535 -12.55 33.63 4.52
CA GLU A 1535 -13.32 34.28 5.57
C GLU A 1535 -14.81 34.23 5.28
N TRP A 1536 -15.19 34.34 4.00
CA TRP A 1536 -16.59 34.26 3.61
C TRP A 1536 -17.06 32.84 3.36
N GLU A 1537 -16.16 31.92 3.01
CA GLU A 1537 -16.56 30.54 2.74
C GLU A 1537 -17.02 29.85 4.02
N LEU A 1538 -16.32 30.09 5.14
CA LEU A 1538 -16.74 29.56 6.42
C LEU A 1538 -18.09 30.15 6.85
N GLY A 1539 -18.29 31.45 6.58
CA GLY A 1539 -19.56 32.07 6.92
C GLY A 1539 -20.72 31.55 6.08
N LEU A 1540 -20.48 31.34 4.79
CA LEU A 1540 -21.50 30.73 3.93
C LEU A 1540 -21.76 29.28 4.29
N LEU A 1541 -20.74 28.56 4.76
CA LEU A 1541 -20.94 27.20 5.21
C LEU A 1541 -21.71 27.13 6.53
N LEU A 1542 -21.42 28.06 7.45
CA LEU A 1542 -22.17 28.13 8.71
C LEU A 1542 -23.60 28.56 8.47
N GLN A 1543 -23.82 29.45 7.50
CA GLN A 1543 -25.17 29.79 7.08
C GLN A 1543 -25.85 28.63 6.36
N SER A 1544 -25.08 27.81 5.65
CA SER A 1544 -25.63 26.62 5.03
C SER A 1544 -25.97 25.57 6.07
N LEU A 1545 -25.33 25.61 7.24
CA LEU A 1545 -25.75 24.75 8.34
C LEU A 1545 -26.99 25.32 9.04
N ASP A 1546 -26.86 26.52 9.61
CA ASP A 1546 -27.99 27.17 10.28
C ASP A 1546 -28.39 28.41 9.50
N PRO A 1547 -29.44 28.35 8.67
CA PRO A 1547 -29.79 29.51 7.83
C PRO A 1547 -30.69 30.53 8.50
N GLY A 1548 -31.46 30.11 9.50
CA GLY A 1548 -32.36 31.03 10.15
C GLY A 1548 -33.13 30.34 11.25
N LYS A 1549 -34.02 31.12 11.88
CA LYS A 1549 -34.84 30.58 12.95
C LYS A 1549 -35.90 29.62 12.41
N ASN A 1550 -36.50 29.95 11.27
CA ASN A 1550 -37.58 29.16 10.69
C ASN A 1550 -37.16 28.45 9.40
N ILE A 1551 -35.86 28.23 9.23
CA ILE A 1551 -35.33 27.54 8.05
C ILE A 1551 -34.71 26.23 8.49
N ALA A 1552 -35.07 25.16 7.81
CA ALA A 1552 -34.52 23.84 8.10
C ALA A 1552 -34.01 23.19 6.82
N HIS A 1553 -33.73 21.90 6.89
CA HIS A 1553 -33.11 21.17 5.80
C HIS A 1553 -33.88 19.86 5.56
N LYS A 1554 -33.73 19.30 4.36
CA LYS A 1554 -34.36 18.04 4.01
C LYS A 1554 -33.31 17.06 3.52
N LEU A 1555 -33.12 15.96 4.26
CA LEU A 1555 -32.30 14.86 3.75
C LEU A 1555 -33.02 13.56 3.99
N GLY A 1556 -32.61 12.54 3.24
CA GLY A 1556 -33.10 11.20 3.45
C GLY A 1556 -34.34 10.86 2.65
N LYS A 1557 -34.86 9.67 2.91
CA LYS A 1557 -35.98 9.14 2.15
C LYS A 1557 -37.29 9.78 2.61
N GLY A 1558 -38.13 10.13 1.64
CA GLY A 1558 -39.45 10.67 1.94
C GLY A 1558 -39.54 12.17 1.97
N LYS A 1559 -38.60 12.88 1.34
CA LYS A 1559 -38.66 14.34 1.26
C LYS A 1559 -39.93 14.92 0.63
N PRO A 1560 -40.51 14.38 -0.47
CA PRO A 1560 -41.82 14.92 -0.90
C PRO A 1560 -42.96 14.55 0.00
N TYR A 1561 -42.79 13.58 0.89
CA TYR A 1561 -43.84 13.14 1.80
C TYR A 1561 -43.75 13.81 3.16
N GLY A 1562 -42.90 14.82 3.31
CA GLY A 1562 -42.76 15.53 4.55
C GLY A 1562 -41.67 15.03 5.48
N PHE A 1563 -41.05 13.90 5.16
CA PHE A 1563 -39.99 13.37 6.01
C PHE A 1563 -38.70 14.17 5.85
N GLY A 1564 -37.86 14.09 6.88
CA GLY A 1564 -36.51 14.59 6.78
C GLY A 1564 -36.32 16.06 7.05
N SER A 1565 -37.34 16.76 7.54
CA SER A 1565 -37.16 18.16 7.90
C SER A 1565 -36.27 18.24 9.14
N VAL A 1566 -35.04 18.70 8.97
CA VAL A 1566 -34.03 18.66 10.02
C VAL A 1566 -33.43 20.04 10.21
N LYS A 1567 -33.17 20.39 11.46
CA LYS A 1567 -32.63 21.69 11.81
C LYS A 1567 -31.21 21.51 12.35
N ILE A 1568 -30.25 22.17 11.71
CA ILE A 1568 -28.87 22.18 12.17
C ILE A 1568 -28.65 23.45 12.97
N LYS A 1569 -28.21 23.29 14.22
CA LYS A 1569 -27.76 24.43 15.01
C LYS A 1569 -26.36 24.12 15.54
N ILE A 1570 -25.52 25.14 15.55
CA ILE A 1570 -24.09 24.99 15.80
C ILE A 1570 -23.82 25.25 17.27
N ASP A 1571 -23.22 24.28 17.95
CA ASP A 1571 -22.65 24.59 19.26
C ASP A 1571 -21.36 25.37 19.12
N SER A 1572 -20.38 24.81 18.41
CA SER A 1572 -19.09 25.47 18.50
C SER A 1572 -18.39 25.48 17.15
N LEU A 1573 -17.64 26.54 16.93
CA LEU A 1573 -16.72 26.69 15.82
C LEU A 1573 -15.34 26.74 16.43
N HIS A 1574 -14.48 25.80 16.05
CA HIS A 1574 -13.10 25.80 16.50
C HIS A 1574 -12.19 26.05 15.30
N THR A 1575 -11.19 26.90 15.49
CA THR A 1575 -10.32 27.30 14.41
C THR A 1575 -8.89 27.27 14.91
N PHE A 1576 -8.01 26.61 14.16
CA PHE A 1576 -6.59 26.59 14.47
C PHE A 1576 -5.80 27.20 13.32
N LYS A 1577 -4.64 27.74 13.66
CA LYS A 1577 -3.77 28.40 12.68
C LYS A 1577 -2.40 27.74 12.63
N ILE A 1585 -5.35 26.18 18.18
CA ILE A 1585 -6.74 25.79 18.39
C ILE A 1585 -7.44 26.75 19.35
N LYS A 1586 -8.52 27.38 18.87
CA LYS A 1586 -9.28 28.30 19.70
C LYS A 1586 -10.75 28.19 19.36
N ARG A 1587 -11.60 28.53 20.34
CA ARG A 1587 -13.04 28.53 20.16
C ARG A 1587 -13.48 29.92 19.69
N VAL A 1588 -13.99 29.99 18.48
CA VAL A 1588 -14.43 31.26 17.88
C VAL A 1588 -15.70 31.73 18.59
N PRO A 1589 -15.76 32.96 19.08
CA PRO A 1589 -16.97 33.45 19.76
C PRO A 1589 -18.06 33.79 18.75
N GLN A 1590 -19.21 34.22 19.29
CA GLN A 1590 -20.40 34.47 18.48
C GLN A 1590 -20.22 35.65 17.53
N SER A 1591 -19.50 36.69 17.98
CA SER A 1591 -19.32 37.90 17.18
C SER A 1591 -18.49 37.64 15.93
N ASP A 1592 -17.44 36.83 16.03
CA ASP A 1592 -16.65 36.51 14.86
C ASP A 1592 -17.38 35.54 13.92
N ILE A 1593 -18.27 34.71 14.46
CA ILE A 1593 -19.15 33.88 13.63
C ILE A 1593 -20.09 34.77 12.82
N ARG A 1594 -20.68 35.77 13.46
CA ARG A 1594 -21.52 36.73 12.76
C ARG A 1594 -20.73 37.55 11.75
N GLU A 1595 -19.46 37.84 12.04
CA GLU A 1595 -18.59 38.50 11.07
C GLU A 1595 -18.34 37.63 9.85
N TYR A 1596 -18.08 36.34 10.05
CA TYR A 1596 -17.90 35.41 8.93
C TYR A 1596 -19.16 35.31 8.08
N ILE A 1597 -20.32 35.20 8.74
CA ILE A 1597 -21.59 35.06 8.03
C ILE A 1597 -21.94 36.34 7.28
N ASN A 1598 -21.63 37.50 7.87
CA ASN A 1598 -21.90 38.78 7.22
C ASN A 1598 -20.97 38.99 6.02
N LYS A 1599 -19.73 38.52 6.13
CA LYS A 1599 -18.81 38.63 5.01
C LYS A 1599 -19.10 37.61 3.91
N GLY A 1600 -19.74 36.49 4.25
CA GLY A 1600 -20.32 35.63 3.21
C GLY A 1600 -21.52 36.27 2.54
N TYR A 1601 -22.32 37.01 3.32
CA TYR A 1601 -23.44 37.77 2.77
C TYR A 1601 -22.98 38.82 1.76
N GLN A 1602 -21.91 39.56 2.08
CA GLN A 1602 -21.33 40.49 1.09
C GLN A 1602 -20.77 39.79 -0.14
N LYS A 1603 -20.29 38.55 0.00
CA LYS A 1603 -19.88 37.81 -1.18
C LYS A 1603 -21.07 37.43 -2.06
N LEU A 1604 -22.21 37.09 -1.44
CA LEU A 1604 -23.43 36.85 -2.21
C LEU A 1604 -23.93 38.11 -2.92
N ILE A 1605 -23.86 39.27 -2.26
CA ILE A 1605 -24.23 40.52 -2.96
C ILE A 1605 -23.26 40.85 -4.10
N GLU A 1606 -21.94 40.69 -3.91
CA GLU A 1606 -21.06 41.02 -5.03
C GLU A 1606 -21.11 39.97 -6.13
N TRP A 1607 -21.63 38.77 -5.86
CA TRP A 1607 -21.96 37.85 -6.93
C TRP A 1607 -23.22 38.28 -7.66
N SER A 1608 -24.26 38.72 -6.93
CA SER A 1608 -25.50 39.13 -7.57
C SER A 1608 -25.35 40.47 -8.28
N GLY A 1609 -24.56 41.38 -7.72
CA GLY A 1609 -24.33 42.67 -8.33
C GLY A 1609 -25.49 43.64 -8.20
N LEU A 1619 -26.81 42.72 10.97
CA LEU A 1619 -27.69 41.59 10.71
C LEU A 1619 -28.00 41.47 9.21
N PRO A 1620 -27.57 40.37 8.60
CA PRO A 1620 -27.77 40.21 7.15
C PRO A 1620 -29.21 39.81 6.83
N GLN A 1621 -29.82 40.55 5.92
CA GLN A 1621 -31.17 40.26 5.44
C GLN A 1621 -31.04 39.46 4.15
N TRP A 1622 -31.25 38.14 4.26
CA TRP A 1622 -31.01 37.23 3.14
C TRP A 1622 -32.06 37.32 2.05
N HIS A 1623 -33.28 37.74 2.37
CA HIS A 1623 -34.36 37.74 1.40
C HIS A 1623 -34.24 38.86 0.37
N VAL A 1624 -33.28 39.78 0.52
CA VAL A 1624 -33.05 40.81 -0.50
C VAL A 1624 -32.50 40.17 -1.78
N ILE A 1625 -31.63 39.18 -1.63
CA ILE A 1625 -31.20 38.39 -2.79
C ILE A 1625 -32.37 37.52 -3.26
N PRO A 1626 -32.77 37.58 -4.55
CA PRO A 1626 -34.00 36.91 -4.98
C PRO A 1626 -33.92 35.39 -4.95
N HIS A 1627 -32.82 34.82 -5.45
CA HIS A 1627 -32.67 33.37 -5.44
C HIS A 1627 -32.44 32.82 -4.03
N ILE A 1628 -31.78 33.59 -3.15
CA ILE A 1628 -31.66 33.20 -1.76
C ILE A 1628 -33.02 33.23 -1.07
N ASP A 1629 -33.83 34.24 -1.39
CA ASP A 1629 -35.20 34.32 -0.88
C ASP A 1629 -36.04 33.15 -1.33
N LYS A 1630 -35.93 32.76 -2.61
CA LYS A 1630 -36.68 31.62 -3.12
C LYS A 1630 -36.19 30.30 -2.52
N LEU A 1631 -34.88 30.15 -2.32
CA LEU A 1631 -34.35 28.95 -1.69
C LEU A 1631 -34.77 28.83 -0.23
N TYR A 1632 -34.74 29.94 0.50
CA TYR A 1632 -35.15 29.91 1.90
C TYR A 1632 -36.66 29.78 2.03
N LYS A 1633 -37.41 30.27 1.04
CA LYS A 1633 -38.84 30.03 1.01
C LYS A 1633 -39.14 28.57 0.75
N LEU A 1634 -38.33 27.93 -0.09
CA LEU A 1634 -38.43 26.48 -0.29
C LEU A 1634 -38.10 25.71 0.99
N LEU A 1635 -37.13 26.20 1.75
CA LEU A 1635 -36.73 25.58 3.00
C LEU A 1635 -37.38 26.24 4.21
N TRP A 1636 -38.43 27.01 4.00
CA TRP A 1636 -39.17 27.62 5.10
C TRP A 1636 -40.01 26.56 5.82
N VAL A 1637 -40.08 26.67 7.14
CA VAL A 1637 -40.86 25.78 7.99
C VAL A 1637 -42.08 26.57 8.48
N PRO A 1638 -43.28 26.32 7.95
CA PRO A 1638 -44.45 27.05 8.44
C PRO A 1638 -44.95 26.60 9.80
N PHE A 1639 -44.60 25.39 10.24
CA PHE A 1639 -45.11 24.84 11.48
C PHE A 1639 -44.14 24.99 12.64
N LEU A 1640 -43.05 25.73 12.46
CA LEU A 1640 -42.07 25.92 13.52
C LEU A 1640 -42.56 26.96 14.53
N SER A 1643 -45.65 27.88 15.02
CA SER A 1643 -46.92 28.53 14.71
C SER A 1643 -48.03 27.52 14.53
N LYS A 1644 -49.23 28.00 14.22
CA LYS A 1644 -50.41 27.15 14.04
C LYS A 1644 -50.59 26.70 12.59
N LEU A 1645 -49.67 27.06 11.70
CA LEU A 1645 -49.79 26.67 10.30
C LEU A 1645 -49.51 25.18 10.12
N GLU A 1646 -50.33 24.53 9.32
CA GLU A 1646 -50.11 23.13 8.94
C GLU A 1646 -50.64 22.91 7.53
N PRO A 1647 -49.87 23.32 6.51
CA PRO A 1647 -50.34 23.16 5.14
C PRO A 1647 -50.23 21.71 4.69
N ASP A 1648 -51.29 21.23 4.05
CA ASP A 1648 -51.30 19.89 3.48
C ASP A 1648 -50.82 19.99 2.03
N VAL A 1649 -49.62 19.48 1.78
CA VAL A 1649 -49.04 19.44 0.45
C VAL A 1649 -48.80 17.98 0.09
N ARG A 1650 -49.16 17.63 -1.14
CA ARG A 1650 -49.07 16.28 -1.66
C ARG A 1650 -49.18 16.33 -3.18
N TYR A 1651 -48.77 15.24 -3.83
CA TYR A 1651 -48.84 15.17 -5.27
C TYR A 1651 -50.30 15.00 -5.71
N PRO A 1652 -50.66 15.56 -6.87
CA PRO A 1652 -51.97 15.27 -7.45
C PRO A 1652 -52.10 13.81 -7.84
N VAL A 1653 -53.33 13.31 -7.80
CA VAL A 1653 -53.60 11.95 -8.22
C VAL A 1653 -53.57 11.91 -9.75
N LEU A 1654 -53.48 10.70 -10.31
CA LEU A 1654 -53.25 10.57 -11.74
C LEU A 1654 -54.49 10.91 -12.55
N ASN A 1655 -55.66 10.44 -12.11
CA ASN A 1655 -56.90 10.63 -12.85
C ASN A 1655 -58.03 10.92 -11.88
N GLU A 1656 -59.23 11.07 -12.43
CA GLU A 1656 -60.43 11.18 -11.60
C GLU A 1656 -60.68 9.89 -10.84
N GLU A 1657 -60.50 8.75 -11.50
CA GLU A 1657 -60.68 7.44 -10.87
C GLU A 1657 -59.31 6.95 -10.39
N SER A 1658 -58.84 7.56 -9.29
CA SER A 1658 -57.56 7.21 -8.71
C SER A 1658 -57.73 7.10 -7.20
N LYS A 1659 -56.85 6.32 -6.58
CA LYS A 1659 -56.89 6.13 -5.15
C LYS A 1659 -56.41 7.38 -4.43
N GLY A 1660 -57.05 7.69 -3.31
CA GLY A 1660 -56.71 8.89 -2.55
C GLY A 1660 -57.06 10.20 -3.22
N TYR A 1661 -58.21 10.27 -3.88
CA TYR A 1661 -58.69 11.50 -4.52
C TYR A 1661 -59.89 12.03 -3.76
N ILE A 1662 -59.83 13.31 -3.39
CA ILE A 1662 -60.95 13.99 -2.75
C ILE A 1662 -61.86 14.52 -3.84
N GLU A 1663 -63.13 14.11 -3.80
CA GLU A 1663 -64.08 14.45 -4.85
C GLU A 1663 -64.43 15.94 -4.81
N GLY A 1664 -64.48 16.55 -6.00
CA GLY A 1664 -64.74 17.96 -6.13
C GLY A 1664 -63.53 18.86 -6.03
N SER A 1665 -62.37 18.31 -5.72
CA SER A 1665 -61.16 19.13 -5.61
C SER A 1665 -60.59 19.51 -6.96
N ASP A 1666 -60.84 18.68 -7.99
CA ASP A 1666 -60.27 18.79 -9.34
C ASP A 1666 -58.75 18.84 -9.31
N TYR A 1667 -58.15 18.02 -8.44
CA TYR A 1667 -56.71 17.92 -8.30
C TYR A 1667 -56.17 16.65 -8.94
N THR A 1668 -56.70 16.27 -10.09
CA THR A 1668 -56.15 15.16 -10.84
C THR A 1668 -55.04 15.65 -11.75
N TYR A 1669 -54.16 14.73 -12.16
CA TYR A 1669 -53.09 15.06 -13.08
C TYR A 1669 -53.58 15.28 -14.50
N LYS A 1670 -54.80 14.86 -14.82
CA LYS A 1670 -55.40 15.14 -16.12
C LYS A 1670 -55.63 16.64 -16.30
N LYS A 1671 -56.02 17.33 -15.22
CA LYS A 1671 -56.27 18.76 -15.30
C LYS A 1671 -54.98 19.55 -15.50
N LEU A 1672 -53.95 19.27 -14.70
CA LEU A 1672 -52.71 20.02 -14.82
C LEU A 1672 -51.86 19.56 -16.00
N GLY A 1673 -52.07 18.33 -16.49
CA GLY A 1673 -51.33 17.87 -17.64
C GLY A 1673 -51.87 18.38 -18.95
N ASP A 1674 -53.16 18.69 -19.00
CA ASP A 1674 -53.76 19.23 -20.22
C ASP A 1674 -53.41 20.71 -20.36
N LYS A 1675 -52.94 21.07 -21.56
CA LYS A 1675 -52.55 22.44 -21.84
C LYS A 1675 -53.74 23.38 -22.02
N ASP A 1676 -54.95 22.85 -22.15
CA ASP A 1676 -56.12 23.70 -22.29
C ASP A 1676 -56.55 24.30 -20.96
N ASN A 1677 -56.38 23.55 -19.86
CA ASN A 1677 -56.79 24.05 -18.55
C ASN A 1677 -55.84 25.13 -18.06
N LEU A 1678 -54.55 24.91 -18.18
CA LEU A 1678 -53.54 25.94 -17.93
C LEU A 1678 -52.45 25.81 -18.98
N PRO A 1679 -51.86 26.91 -19.41
CA PRO A 1679 -50.77 26.84 -20.39
C PRO A 1679 -49.51 26.23 -19.78
N TYR A 1680 -48.59 25.85 -20.67
CA TYR A 1680 -47.36 25.19 -20.25
C TYR A 1680 -46.47 26.12 -19.44
N LYS A 1681 -46.42 27.40 -19.84
CA LYS A 1681 -45.56 28.38 -19.19
C LYS A 1681 -46.04 28.69 -17.78
N THR A 1682 -47.37 28.70 -17.56
CA THR A 1682 -47.87 28.87 -16.21
C THR A 1682 -47.62 27.66 -15.34
N ARG A 1683 -47.57 26.45 -15.92
CA ARG A 1683 -47.13 25.28 -15.17
C ARG A 1683 -45.65 25.37 -14.78
N VAL A 1684 -44.81 25.88 -15.69
CA VAL A 1684 -43.39 26.08 -15.34
C VAL A 1684 -43.25 27.17 -14.28
N LYS A 1685 -44.07 28.22 -14.35
CA LYS A 1685 -44.05 29.28 -13.34
C LYS A 1685 -44.58 28.79 -12.00
N GLY A 1686 -45.55 27.87 -12.02
CA GLY A 1686 -46.03 27.27 -10.79
C GLY A 1686 -45.11 26.21 -10.22
N LEU A 1687 -44.18 25.69 -11.03
CA LEU A 1687 -43.15 24.81 -10.52
C LEU A 1687 -41.91 25.54 -10.04
N THR A 1688 -41.72 26.80 -10.44
CA THR A 1688 -40.59 27.60 -9.98
C THR A 1688 -40.94 28.53 -8.83
N THR A 1689 -42.20 28.61 -8.42
CA THR A 1689 -42.60 29.48 -7.34
C THR A 1689 -42.74 28.65 -6.07
N PRO A 1690 -41.88 28.84 -5.06
CA PRO A 1690 -41.98 28.03 -3.83
C PRO A 1690 -43.25 28.35 -3.05
N TRP A 1691 -43.89 27.28 -2.55
CA TRP A 1691 -45.16 27.32 -1.84
C TRP A 1691 -46.27 28.01 -2.65
N SER A 1692 -46.24 27.83 -3.96
CA SER A 1692 -47.33 28.31 -4.80
C SER A 1692 -48.51 27.35 -4.68
N PRO A 1693 -49.73 27.87 -4.48
CA PRO A 1693 -50.90 26.99 -4.37
C PRO A 1693 -51.22 26.34 -5.71
N TRP A 1694 -51.36 25.02 -5.69
CA TRP A 1694 -51.70 24.24 -6.88
C TRP A 1694 -53.16 23.82 -6.87
N ASN A 1695 -53.95 24.34 -5.95
CA ASN A 1695 -55.38 24.03 -5.87
C ASN A 1695 -56.15 25.20 -5.29
ZN ZN C . 58.69 -24.74 1.95
ZN ZN D . 36.70 -0.58 5.66
ZN ZN E . 12.33 18.97 0.59
ZN ZN F . -19.24 22.92 -10.11
MG MG G . 54.58 -25.43 -9.98
#